data_3A2K
#
_entry.id   3A2K
#
_cell.length_a   85.734
_cell.length_b   157.396
_cell.length_c   208.177
_cell.angle_alpha   90.00
_cell.angle_beta   90.00
_cell.angle_gamma   90.00
#
_symmetry.space_group_name_H-M   'P 21 21 21'
#
loop_
_entity.id
_entity.type
_entity.pdbx_description
1 polymer 'tRNA(Ile)-lysidine synthase'
2 polymer 'bacterial tRNA'
#
loop_
_entity_poly.entity_id
_entity_poly.type
_entity_poly.pdbx_seq_one_letter_code
_entity_poly.pdbx_strand_id
1 'polypeptide(L)'
;MIDKVRAFIHRHQLLSEGAAVIVGVSGGPDSLALLHVFLSLRDEWKLQVIAAHVDHMFRGRESEEEMEFVKRFCVERRIL
CETAQIDVPAFQRSAGLGAQEAARICRYRFFAELMEKHQAGYVAVGHHGDDQVETILMRLVRGSTSKGYAGIPVKRPFHG
GYLIRPFLAVSRAEIEAYCRQMGLSPRCDPSNEKDDYTRNRFRHHIVPLLRQENPRLHERFQQYSEMMAEDEQFLEELAA
DALNKVMEKQHRDAALSIGPFLELPRPLQRRVLQLLLLRLYGGVPPTLTSVHIGHILMLCERGRPSGMIDLPKGLKVIRS
YDRCLFTFDAESGEKGYWFELPVPALLPLPNGYAIISEFGEHYPRKQAGNDWFVVDPASVSLPLRVRTRRRGDRMVLKGT
GGTKKLKEIFIEAKIPRMERDRWPIVEDADGRILWVPGLKKSAFEAQNRGQARYILLQYQAMNS
;
A,B
2 'polyribonucleotide' GGACCUUUAGCUCAGUUGGUUAGAGCAGACGGCUCAUAACCGUCCGGCCGUAGGUUCGAGUCCUACAAGGUCCACCA C,D
#
loop_
_chem_comp.id
_chem_comp.type
_chem_comp.name
_chem_comp.formula
A RNA linking ADENOSINE-5'-MONOPHOSPHATE 'C10 H14 N5 O7 P'
C RNA linking CYTIDINE-5'-MONOPHOSPHATE 'C9 H14 N3 O8 P'
G RNA linking GUANOSINE-5'-MONOPHOSPHATE 'C10 H14 N5 O8 P'
U RNA linking URIDINE-5'-MONOPHOSPHATE 'C9 H13 N2 O9 P'
#
# COMPACT_ATOMS: atom_id res chain seq x y z
N MET A 1 -15.12 16.89 20.59
CA MET A 1 -14.74 17.39 21.89
C MET A 1 -15.60 16.75 22.96
N ILE A 2 -14.95 16.19 23.96
CA ILE A 2 -15.57 15.35 24.99
C ILE A 2 -16.13 14.05 24.40
N ASP A 3 -16.61 14.16 23.16
CA ASP A 3 -17.22 13.04 22.44
C ASP A 3 -16.64 12.86 21.03
N LYS A 4 -16.43 13.95 20.29
CA LYS A 4 -15.71 13.86 19.04
C LYS A 4 -14.44 13.13 19.43
N VAL A 5 -13.80 13.66 20.46
CA VAL A 5 -12.59 13.03 20.95
C VAL A 5 -12.86 11.74 21.73
N ARG A 6 -14.04 11.59 22.33
CA ARG A 6 -14.35 10.32 22.96
C ARG A 6 -14.64 9.24 21.92
N ALA A 7 -15.32 9.63 20.86
CA ALA A 7 -15.59 8.73 19.75
C ALA A 7 -14.23 8.26 19.24
N PHE A 8 -13.39 9.23 18.95
CA PHE A 8 -12.04 8.97 18.51
C PHE A 8 -11.36 7.94 19.39
N ILE A 9 -11.51 8.08 20.70
CA ILE A 9 -10.87 7.16 21.62
C ILE A 9 -11.39 5.77 21.34
N HIS A 10 -12.70 5.70 21.06
CA HIS A 10 -13.39 4.45 20.83
C HIS A 10 -13.10 3.93 19.42
N ARG A 11 -13.27 4.78 18.41
CA ARG A 11 -12.87 4.44 17.04
C ARG A 11 -11.59 3.62 17.11
N HIS A 12 -10.53 4.20 17.68
CA HIS A 12 -9.21 3.59 17.69
C HIS A 12 -8.93 2.80 18.95
N GLN A 13 -10.00 2.53 19.69
CA GLN A 13 -9.98 1.60 20.80
C GLN A 13 -8.66 1.57 21.58
N LEU A 14 -8.47 0.49 22.34
CA LEU A 14 -7.36 0.32 23.30
C LEU A 14 -6.89 1.61 23.99
N LEU A 15 -7.60 2.72 23.76
CA LEU A 15 -7.19 4.01 24.32
C LEU A 15 -7.81 4.24 25.71
N SER A 16 -9.05 3.77 25.89
CA SER A 16 -9.82 3.90 27.13
C SER A 16 -10.13 2.50 27.67
N GLU A 17 -9.10 1.78 28.09
CA GLU A 17 -9.29 0.40 28.56
C GLU A 17 -8.30 -0.01 29.63
N GLY A 18 -8.63 0.22 30.90
CA GLY A 18 -7.78 -0.26 31.98
C GLY A 18 -7.80 0.52 33.29
N ALA A 19 -6.75 1.29 33.56
CA ALA A 19 -6.66 2.01 34.82
C ALA A 19 -5.51 3.02 34.96
N ALA A 20 -4.48 2.95 34.13
CA ALA A 20 -3.24 3.71 34.41
C ALA A 20 -2.70 4.57 33.27
N VAL A 21 -2.74 5.91 33.43
CA VAL A 21 -2.19 6.84 32.43
C VAL A 21 -1.18 7.88 32.95
N ILE A 22 -0.28 8.27 32.06
CA ILE A 22 0.66 9.33 32.32
C ILE A 22 0.48 10.32 31.19
N VAL A 23 -0.26 11.40 31.46
CA VAL A 23 -0.52 12.40 30.43
C VAL A 23 0.45 13.59 30.51
N GLY A 24 1.35 13.69 29.53
CA GLY A 24 2.35 14.74 29.49
C GLY A 24 1.84 16.08 29.04
N VAL A 25 2.58 17.12 29.38
CA VAL A 25 2.14 18.49 29.19
C VAL A 25 3.34 19.42 29.02
N SER A 26 3.27 20.33 28.06
CA SER A 26 4.36 21.28 27.89
C SER A 26 3.88 22.72 27.96
N GLY A 27 3.84 23.38 26.81
CA GLY A 27 3.61 24.82 26.72
C GLY A 27 2.63 25.44 27.70
N GLY A 28 1.46 25.82 27.19
CA GLY A 28 0.41 26.34 28.02
C GLY A 28 -0.91 25.80 27.50
N PRO A 29 -1.58 26.62 26.69
CA PRO A 29 -2.92 26.47 26.11
C PRO A 29 -3.29 25.03 25.80
N ASP A 30 -2.48 24.43 24.94
CA ASP A 30 -2.71 23.10 24.44
C ASP A 30 -2.68 22.08 25.58
N SER A 31 -1.55 22.03 26.28
CA SER A 31 -1.28 20.99 27.27
C SER A 31 -2.26 20.96 28.44
N LEU A 32 -2.69 22.12 28.89
CA LEU A 32 -3.66 22.18 29.98
C LEU A 32 -5.00 21.58 29.55
N ALA A 33 -5.47 21.96 28.37
CA ALA A 33 -6.75 21.48 27.85
C ALA A 33 -6.85 19.97 27.87
N LEU A 34 -5.77 19.30 27.46
CA LEU A 34 -5.72 17.84 27.49
C LEU A 34 -6.14 17.27 28.86
N LEU A 35 -5.25 17.44 29.84
CA LEU A 35 -5.52 17.11 31.24
C LEU A 35 -6.99 17.20 31.55
N HIS A 36 -7.53 18.40 31.39
CA HIS A 36 -8.93 18.68 31.65
C HIS A 36 -9.82 17.57 31.10
N VAL A 37 -9.80 17.43 29.78
CA VAL A 37 -10.65 16.46 29.09
C VAL A 37 -10.36 15.07 29.55
N PHE A 38 -9.10 14.86 29.91
CA PHE A 38 -8.69 13.57 30.42
C PHE A 38 -9.41 13.31 31.73
N LEU A 39 -9.16 14.17 32.71
CA LEU A 39 -9.82 14.04 34.01
C LEU A 39 -11.28 13.59 33.87
N SER A 40 -12.07 14.39 33.16
CA SER A 40 -13.50 14.12 33.01
C SER A 40 -13.84 12.74 32.41
N LEU A 41 -13.11 12.34 31.38
CA LEU A 41 -13.39 11.08 30.73
C LEU A 41 -12.74 9.89 31.45
N ARG A 42 -11.88 10.16 32.44
CA ARG A 42 -11.24 9.10 33.23
C ARG A 42 -12.12 8.67 34.38
N ASP A 43 -12.84 9.62 34.96
CA ASP A 43 -13.91 9.28 35.88
C ASP A 43 -14.92 8.45 35.07
N GLU A 44 -15.34 9.03 33.94
CA GLU A 44 -16.31 8.43 33.04
C GLU A 44 -15.94 7.02 32.54
N TRP A 45 -14.66 6.68 32.58
CA TRP A 45 -14.19 5.43 31.99
C TRP A 45 -13.20 4.63 32.86
N LYS A 46 -13.29 4.73 34.18
CA LYS A 46 -12.61 3.74 35.06
C LYS A 46 -11.09 3.95 35.23
N LEU A 47 -10.66 5.11 35.72
CA LEU A 47 -9.29 5.52 35.39
C LEU A 47 -8.54 6.51 36.31
N GLN A 48 -7.26 6.21 36.59
CA GLN A 48 -6.33 7.02 37.40
C GLN A 48 -5.33 7.91 36.59
N VAL A 49 -5.53 9.23 36.61
CA VAL A 49 -4.72 10.21 35.84
C VAL A 49 -3.45 10.70 36.54
N ILE A 50 -2.40 10.94 35.77
CA ILE A 50 -1.15 11.45 36.35
C ILE A 50 -0.46 12.43 35.41
N ALA A 51 -0.60 13.72 35.69
CA ALA A 51 0.07 14.76 34.87
C ALA A 51 1.58 14.66 35.00
N ALA A 52 2.28 14.98 33.91
CA ALA A 52 3.73 14.85 33.86
C ALA A 52 4.29 15.87 32.89
N HIS A 53 5.02 16.87 33.40
CA HIS A 53 5.54 17.94 32.57
C HIS A 53 7.01 18.14 32.80
N VAL A 54 7.75 18.23 31.72
CA VAL A 54 9.19 18.38 31.79
C VAL A 54 9.52 19.78 31.30
N ASP A 55 10.48 20.43 31.94
CA ASP A 55 10.96 21.69 31.39
C ASP A 55 12.36 21.55 30.80
N HIS A 56 12.44 21.95 29.54
CA HIS A 56 13.64 21.90 28.73
C HIS A 56 14.38 23.22 28.91
N MET A 57 15.56 23.36 28.32
CA MET A 57 16.29 24.63 28.45
C MET A 57 16.04 25.64 27.33
N PHE A 58 15.69 26.85 27.76
CA PHE A 58 15.49 28.05 26.93
C PHE A 58 14.81 29.02 27.88
N ARG A 59 14.14 28.41 28.86
CA ARG A 59 13.79 28.99 30.16
C ARG A 59 13.14 30.38 30.13
N GLY A 60 13.49 31.19 31.14
CA GLY A 60 12.88 32.49 31.34
C GLY A 60 11.50 32.34 31.97
N ARG A 61 10.58 33.20 31.54
CA ARG A 61 9.20 33.14 32.00
C ARG A 61 8.51 31.83 31.59
N GLU A 62 8.98 31.22 30.50
CA GLU A 62 8.41 29.96 30.03
C GLU A 62 8.63 28.83 31.03
N SER A 63 9.89 28.52 31.31
CA SER A 63 10.20 27.44 32.24
C SER A 63 9.38 27.54 33.53
N GLU A 64 9.43 28.70 34.17
CA GLU A 64 8.74 28.88 35.45
C GLU A 64 7.21 28.95 35.34
N GLU A 65 6.68 29.95 34.67
CA GLU A 65 5.22 30.10 34.56
C GLU A 65 4.56 28.80 34.10
N GLU A 66 5.00 28.29 32.95
CA GLU A 66 4.53 26.99 32.52
C GLU A 66 4.56 26.02 33.71
N MET A 67 5.75 25.74 34.22
CA MET A 67 5.90 24.74 35.28
C MET A 67 5.00 24.94 36.50
N GLU A 68 4.93 26.15 37.04
CA GLU A 68 4.16 26.38 38.25
C GLU A 68 2.64 26.38 38.04
N PHE A 69 2.18 26.74 36.84
CA PHE A 69 0.75 26.83 36.58
C PHE A 69 0.11 25.49 36.24
N VAL A 70 0.96 24.51 35.96
CA VAL A 70 0.54 23.13 35.95
C VAL A 70 0.47 22.63 37.40
N LYS A 71 1.52 22.92 38.17
CA LYS A 71 1.57 22.55 39.57
C LYS A 71 0.26 22.92 40.25
N ARG A 72 -0.14 24.19 40.14
CA ARG A 72 -1.34 24.65 40.82
C ARG A 72 -2.60 24.04 40.25
N PHE A 73 -2.49 23.40 39.09
CA PHE A 73 -3.63 22.73 38.53
C PHE A 73 -3.76 21.29 39.04
N CYS A 74 -2.64 20.59 39.16
CA CYS A 74 -2.64 19.24 39.71
C CYS A 74 -3.31 19.24 41.07
N VAL A 75 -2.95 20.23 41.88
CA VAL A 75 -3.58 20.41 43.18
C VAL A 75 -5.03 20.79 43.02
N GLU A 76 -5.31 21.80 42.20
CA GLU A 76 -6.67 22.28 41.96
C GLU A 76 -7.64 21.17 41.52
N ARG A 77 -7.12 19.99 41.18
CA ARG A 77 -7.98 18.84 40.92
C ARG A 77 -7.40 17.54 41.43
N ARG A 78 -6.73 17.60 42.57
CA ARG A 78 -6.22 16.39 43.22
C ARG A 78 -5.59 15.42 42.24
N ILE A 79 -4.49 15.81 41.62
CA ILE A 79 -3.85 14.93 40.66
C ILE A 79 -2.36 14.84 40.89
N LEU A 80 -1.84 13.62 40.97
CA LEU A 80 -0.41 13.47 41.15
C LEU A 80 0.27 14.19 39.99
N CYS A 81 1.13 15.16 40.31
CA CYS A 81 1.68 16.08 39.31
C CYS A 81 3.17 15.87 39.08
N GLU A 82 3.52 14.64 38.70
CA GLU A 82 4.91 14.25 38.48
C GLU A 82 5.69 15.25 37.62
N THR A 83 6.53 16.05 38.29
CA THR A 83 7.29 17.11 37.63
C THR A 83 8.76 16.73 37.42
N ALA A 84 9.42 17.43 36.51
CA ALA A 84 10.85 17.30 36.30
C ALA A 84 11.38 18.44 35.42
N GLN A 85 12.69 18.42 35.15
CA GLN A 85 13.32 19.43 34.32
C GLN A 85 14.72 19.00 33.91
N ILE A 86 15.04 19.19 32.63
CA ILE A 86 16.42 19.03 32.16
C ILE A 86 16.88 20.17 31.23
N ASP A 87 17.93 20.84 31.68
CA ASP A 87 18.55 21.90 30.92
C ASP A 87 19.91 21.41 30.42
N VAL A 88 20.01 20.11 30.23
CA VAL A 88 21.13 19.53 29.50
C VAL A 88 20.75 19.27 28.04
N PRO A 89 19.72 19.97 27.53
CA PRO A 89 19.83 20.11 26.08
C PRO A 89 21.25 20.50 25.69
N ALA A 90 21.85 21.49 26.35
CA ALA A 90 23.20 21.95 26.00
C ALA A 90 24.26 20.86 26.15
N PHE A 91 24.05 19.91 27.07
CA PHE A 91 24.99 18.83 27.35
C PHE A 91 24.54 17.54 26.65
N GLN A 92 23.29 17.54 26.22
CA GLN A 92 22.74 16.46 25.42
C GLN A 92 23.33 16.56 24.02
N ARG A 93 23.22 17.75 23.44
CA ARG A 93 23.78 18.03 22.14
C ARG A 93 25.31 18.04 22.20
N SER A 94 25.83 18.03 23.42
CA SER A 94 27.27 17.90 23.62
C SER A 94 27.57 16.41 23.71
N ALA A 95 26.55 15.58 23.52
CA ALA A 95 26.70 14.13 23.50
C ALA A 95 26.39 13.51 22.12
N GLY A 96 25.82 14.29 21.20
CA GLY A 96 25.62 13.83 19.83
C GLY A 96 24.69 14.57 18.85
N LEU A 97 23.56 15.08 19.35
CA LEU A 97 22.42 15.48 18.49
C LEU A 97 22.20 16.98 18.26
N GLY A 98 21.10 17.30 17.58
CA GLY A 98 20.73 18.66 17.25
C GLY A 98 19.92 19.36 18.33
N ALA A 99 18.65 19.66 18.05
CA ALA A 99 17.80 20.35 19.02
C ALA A 99 16.52 19.58 19.33
N GLN A 100 15.50 19.75 18.51
CA GLN A 100 14.20 19.10 18.73
C GLN A 100 14.28 17.59 18.89
N GLU A 101 15.37 17.00 18.42
CA GLU A 101 15.65 15.58 18.69
C GLU A 101 15.76 15.37 20.20
N ALA A 102 16.77 15.98 20.81
CA ALA A 102 16.95 15.92 22.26
C ALA A 102 15.64 16.13 23.01
N ALA A 103 14.74 16.90 22.39
CA ALA A 103 13.42 17.13 22.93
C ALA A 103 12.73 15.81 23.18
N ARG A 104 12.29 15.20 22.10
CA ARG A 104 11.53 13.97 22.22
C ARG A 104 12.33 12.83 22.87
N ILE A 105 13.62 12.69 22.58
CA ILE A 105 14.38 11.58 23.19
C ILE A 105 14.40 11.71 24.69
N CYS A 106 14.68 12.91 25.16
CA CYS A 106 14.78 13.12 26.59
C CYS A 106 13.38 13.10 27.16
N ARG A 107 12.52 13.98 26.66
CA ARG A 107 11.14 13.96 27.11
C ARG A 107 10.67 12.52 27.25
N TYR A 108 10.78 11.72 26.19
CA TYR A 108 10.28 10.34 26.23
C TYR A 108 11.04 9.40 27.16
N ARG A 109 12.37 9.49 27.19
CA ARG A 109 13.15 8.73 28.16
C ARG A 109 12.52 8.88 29.54
N PHE A 110 12.03 10.09 29.81
CA PHE A 110 11.41 10.43 31.10
C PHE A 110 10.05 9.78 31.27
N PHE A 111 9.17 10.00 30.31
CA PHE A 111 7.87 9.34 30.33
C PHE A 111 8.06 7.83 30.52
N ALA A 112 9.14 7.30 29.98
CA ALA A 112 9.44 5.87 30.10
C ALA A 112 9.63 5.50 31.54
N GLU A 113 10.41 6.32 32.24
CA GLU A 113 10.61 6.17 33.68
C GLU A 113 9.25 6.12 34.35
N LEU A 114 8.41 7.12 34.09
CA LEU A 114 7.12 7.20 34.76
C LEU A 114 6.26 5.98 34.46
N MET A 115 6.31 5.50 33.23
CA MET A 115 5.43 4.42 32.85
C MET A 115 5.83 3.12 33.52
N GLU A 116 7.12 2.81 33.43
CA GLU A 116 7.66 1.61 34.06
C GLU A 116 7.65 1.74 35.58
N LYS A 117 8.00 2.92 36.07
CA LYS A 117 8.14 3.13 37.49
C LYS A 117 6.81 3.53 38.16
N HIS A 118 5.70 3.34 37.46
CA HIS A 118 4.41 3.76 37.98
C HIS A 118 3.33 2.76 37.58
N GLN A 119 3.75 1.67 36.93
CA GLN A 119 2.85 0.59 36.47
C GLN A 119 1.80 1.05 35.48
N ALA A 120 1.96 2.26 34.95
CA ALA A 120 1.03 2.78 33.96
C ALA A 120 1.01 1.89 32.74
N GLY A 121 -0.08 1.96 31.99
CA GLY A 121 -0.22 1.21 30.76
C GLY A 121 -0.19 2.09 29.53
N TYR A 122 -0.86 3.24 29.61
CA TYR A 122 -0.84 4.21 28.52
C TYR A 122 -0.08 5.49 28.87
N VAL A 123 0.46 6.17 27.86
CA VAL A 123 1.03 7.49 28.03
C VAL A 123 0.49 8.34 26.90
N ALA A 124 -0.26 9.37 27.24
CA ALA A 124 -0.90 10.17 26.21
C ALA A 124 -0.30 11.56 26.10
N VAL A 125 -0.16 12.06 24.88
CA VAL A 125 0.22 13.43 24.65
C VAL A 125 -0.72 14.05 23.64
N GLY A 126 -1.04 15.30 23.82
CA GLY A 126 -1.97 15.95 22.92
C GLY A 126 -1.29 16.38 21.63
N HIS A 127 -1.80 15.87 20.53
CA HIS A 127 -1.29 16.24 19.22
C HIS A 127 -2.47 16.55 18.32
N HIS A 128 -2.67 17.81 17.98
CA HIS A 128 -3.87 18.19 17.23
C HIS A 128 -3.73 17.89 15.76
N GLY A 129 -4.88 17.72 15.10
CA GLY A 129 -4.91 17.49 13.67
C GLY A 129 -4.01 18.45 12.90
N ASP A 130 -3.80 19.64 13.47
CA ASP A 130 -2.84 20.56 12.88
C ASP A 130 -1.43 20.04 13.11
N ASP A 131 -1.14 19.59 14.32
CA ASP A 131 0.15 18.99 14.58
C ASP A 131 0.42 18.00 13.46
N GLN A 132 -0.62 17.23 13.12
CA GLN A 132 -0.56 16.18 12.11
C GLN A 132 -0.21 16.74 10.75
N VAL A 133 -1.08 17.59 10.22
CA VAL A 133 -0.83 18.29 8.96
C VAL A 133 0.64 18.65 8.92
N GLU A 134 1.01 19.66 9.70
CA GLU A 134 2.42 19.97 9.92
C GLU A 134 3.38 18.79 9.66
N THR A 135 3.27 17.69 10.41
CA THR A 135 4.27 16.63 10.29
C THR A 135 4.22 15.98 8.92
N ILE A 136 3.03 15.88 8.33
CA ILE A 136 2.89 15.26 7.02
C ILE A 136 3.71 16.01 5.98
N LEU A 137 3.41 17.28 5.81
CA LEU A 137 4.10 18.13 4.85
C LEU A 137 5.55 18.21 5.21
N MET A 138 5.82 18.64 6.44
CA MET A 138 7.16 18.57 7.02
C MET A 138 7.94 17.33 6.50
N ARG A 139 7.27 16.17 6.54
CA ARG A 139 7.90 14.89 6.25
C ARG A 139 7.67 14.50 4.80
N LEU A 140 6.80 15.23 4.13
CA LEU A 140 6.63 15.06 2.70
C LEU A 140 7.88 15.58 1.97
N VAL A 141 8.28 16.80 2.27
CA VAL A 141 9.39 17.46 1.59
C VAL A 141 10.73 17.01 2.13
N ARG A 142 10.71 16.47 3.34
CA ARG A 142 11.95 16.01 3.93
C ARG A 142 12.33 14.70 3.26
N GLY A 143 11.33 13.87 2.94
CA GLY A 143 11.56 12.67 2.14
C GLY A 143 11.33 11.33 2.83
N SER A 144 11.09 11.37 4.14
CA SER A 144 10.85 10.15 4.90
C SER A 144 9.85 9.22 4.25
N THR A 145 8.96 9.77 3.42
CA THR A 145 7.85 9.01 2.88
C THR A 145 8.30 7.57 2.63
N SER A 146 7.47 6.64 3.10
CA SER A 146 7.69 5.21 2.98
C SER A 146 6.50 4.55 3.66
N LYS A 147 6.79 4.05 4.83
CA LYS A 147 5.76 3.61 5.71
C LYS A 147 5.73 4.78 6.65
N GLY A 148 6.89 5.40 6.78
CA GLY A 148 7.16 6.38 7.80
C GLY A 148 6.53 7.70 7.45
N TYR A 149 6.26 7.89 6.17
CA TYR A 149 5.50 9.06 5.81
C TYR A 149 4.31 9.07 6.76
N ALA A 150 3.51 8.03 6.69
CA ALA A 150 2.37 7.81 7.59
C ALA A 150 1.73 9.03 8.25
N GLY A 151 2.44 9.60 9.22
CA GLY A 151 1.91 10.72 9.99
C GLY A 151 2.18 10.54 11.47
N ILE A 152 1.39 11.23 12.28
CA ILE A 152 1.42 10.98 13.71
C ILE A 152 0.51 9.80 14.00
N PRO A 153 1.09 8.78 14.63
CA PRO A 153 0.37 7.52 14.87
C PRO A 153 -0.56 7.61 16.07
N VAL A 154 -1.84 7.48 15.79
CA VAL A 154 -2.85 7.40 16.83
C VAL A 154 -2.31 6.79 18.11
N LYS A 155 -2.07 5.49 18.09
CA LYS A 155 -1.56 4.78 19.26
C LYS A 155 -0.41 3.85 18.82
N ARG A 156 0.65 3.77 19.62
CA ARG A 156 1.78 2.92 19.27
C ARG A 156 2.43 2.21 20.47
N PRO A 157 3.08 1.07 20.23
CA PRO A 157 3.75 0.23 21.23
C PRO A 157 4.79 0.99 22.03
N PHE A 158 4.37 1.52 23.18
CA PHE A 158 5.29 2.23 24.03
C PHE A 158 5.81 1.39 25.18
N HIS A 159 7.08 0.99 25.10
CA HIS A 159 7.73 0.39 26.24
C HIS A 159 6.93 -0.81 26.71
N GLY A 160 6.13 -0.62 27.76
CA GLY A 160 5.23 -1.66 28.24
C GLY A 160 3.91 -1.70 27.48
N GLY A 161 3.07 -0.71 27.73
CA GLY A 161 1.79 -0.60 27.05
C GLY A 161 1.90 0.18 25.74
N TYR A 162 1.05 1.19 25.57
CA TYR A 162 0.98 1.97 24.33
C TYR A 162 1.04 3.46 24.58
N LEU A 163 1.09 4.24 23.50
CA LEU A 163 1.14 5.71 23.59
C LEU A 163 0.09 6.38 22.73
N ILE A 164 -0.73 7.23 23.34
CA ILE A 164 -1.99 7.65 22.73
C ILE A 164 -2.06 9.15 22.47
N ARG A 165 -2.48 9.56 21.27
CA ARG A 165 -2.56 11.00 20.97
C ARG A 165 -3.97 11.45 20.60
N PRO A 166 -4.94 11.24 21.48
CA PRO A 166 -6.36 11.39 21.11
C PRO A 166 -6.76 12.78 20.67
N PHE A 167 -5.83 13.73 20.71
CA PHE A 167 -6.16 15.06 20.24
C PHE A 167 -5.97 15.16 18.72
N LEU A 168 -5.50 14.06 18.14
CA LEU A 168 -5.29 13.96 16.69
C LEU A 168 -6.59 14.24 15.97
N ALA A 169 -7.68 13.97 16.67
CA ALA A 169 -9.02 14.03 16.09
C ALA A 169 -9.44 15.44 15.70
N VAL A 170 -8.75 16.44 16.22
CA VAL A 170 -9.38 17.73 16.32
C VAL A 170 -8.43 18.92 16.12
N SER A 171 -8.97 19.96 15.48
CA SER A 171 -8.21 21.17 15.16
C SER A 171 -7.60 21.84 16.37
N ARG A 172 -6.53 22.61 16.16
CA ARG A 172 -6.01 23.46 17.21
C ARG A 172 -6.96 24.63 17.37
N ALA A 173 -7.73 24.88 16.32
CA ALA A 173 -8.83 25.82 16.42
C ALA A 173 -9.72 25.40 17.59
N GLU A 174 -10.19 24.16 17.55
CA GLU A 174 -11.13 23.64 18.56
C GLU A 174 -10.49 23.40 19.92
N ILE A 175 -9.16 23.44 19.97
CA ILE A 175 -8.43 23.32 21.23
C ILE A 175 -8.40 24.66 21.97
N GLU A 176 -8.43 25.73 21.19
CA GLU A 176 -8.55 27.07 21.78
C GLU A 176 -10.01 27.30 22.16
N ALA A 177 -10.93 26.83 21.31
CA ALA A 177 -12.35 26.95 21.60
C ALA A 177 -12.60 26.36 22.96
N TYR A 178 -12.14 25.14 23.15
CA TYR A 178 -12.33 24.40 24.39
C TYR A 178 -11.54 25.00 25.56
N CYS A 179 -10.35 25.53 25.31
CA CYS A 179 -9.54 26.12 26.38
C CYS A 179 -10.20 27.32 27.07
N ARG A 180 -10.56 28.35 26.30
CA ARG A 180 -11.21 29.52 26.86
C ARG A 180 -12.62 29.14 27.34
N GLN A 181 -13.42 28.55 26.46
CA GLN A 181 -14.78 28.14 26.81
C GLN A 181 -14.85 27.48 28.18
N MET A 182 -13.91 26.59 28.45
CA MET A 182 -13.87 25.90 29.74
C MET A 182 -12.71 26.38 30.61
N GLY A 183 -12.51 27.70 30.63
CA GLY A 183 -11.64 28.33 31.60
C GLY A 183 -10.16 28.10 31.44
N LEU A 184 -9.43 29.21 31.27
CA LEU A 184 -7.97 29.23 31.24
C LEU A 184 -7.47 30.60 30.75
N SER A 185 -6.32 31.02 31.27
CA SER A 185 -5.73 32.34 30.98
C SER A 185 -5.57 32.58 29.47
N PRO A 186 -4.77 33.62 29.07
CA PRO A 186 -4.60 33.86 27.64
C PRO A 186 -4.66 32.58 26.78
N ARG A 187 -5.70 32.48 25.94
CA ARG A 187 -5.92 31.33 25.06
C ARG A 187 -4.62 30.81 24.45
N CYS A 188 -4.35 31.21 23.21
CA CYS A 188 -3.17 30.75 22.50
C CYS A 188 -1.98 31.70 22.73
N ASP A 189 -0.85 31.39 22.10
CA ASP A 189 0.39 32.15 22.31
C ASP A 189 0.60 33.35 21.39
N PRO A 190 0.73 34.56 21.97
CA PRO A 190 1.21 35.74 21.23
C PRO A 190 2.75 35.74 21.13
N SER A 191 3.37 34.71 21.69
CA SER A 191 4.83 34.56 21.72
C SER A 191 5.33 33.44 20.82
N ASN A 192 4.57 33.11 19.78
CA ASN A 192 4.98 32.10 18.81
C ASN A 192 6.23 32.56 18.06
N GLU A 193 6.61 33.81 18.29
CA GLU A 193 7.79 34.40 17.69
C GLU A 193 8.92 33.38 17.77
N LYS A 194 9.23 32.74 16.65
CA LYS A 194 10.29 31.75 16.64
C LYS A 194 10.27 30.95 15.36
N ASP A 195 10.39 31.63 14.24
CA ASP A 195 10.60 30.92 12.97
C ASP A 195 11.97 30.26 13.01
N ASP A 196 12.32 29.76 14.18
CA ASP A 196 13.57 29.05 14.40
C ASP A 196 13.46 27.64 13.85
N TYR A 197 12.25 27.08 13.92
CA TYR A 197 12.04 25.69 13.52
C TYR A 197 11.30 25.56 12.21
N THR A 198 11.98 24.94 11.27
CA THR A 198 11.34 24.44 10.08
C THR A 198 9.90 24.19 10.42
N ARG A 199 9.70 23.31 11.39
CA ARG A 199 8.37 23.00 11.86
C ARG A 199 7.47 24.24 11.88
N ASN A 200 7.95 25.30 12.51
CA ASN A 200 7.13 26.49 12.68
C ASN A 200 6.74 27.09 11.35
N ARG A 201 7.72 27.37 10.50
CA ARG A 201 7.48 28.14 9.28
C ARG A 201 6.35 27.54 8.47
N PHE A 202 6.27 26.21 8.50
CA PHE A 202 5.19 25.50 7.84
C PHE A 202 3.91 26.04 8.45
N ARG A 203 3.84 25.94 9.77
CA ARG A 203 2.70 26.37 10.59
C ARG A 203 2.36 27.87 10.46
N HIS A 204 3.39 28.69 10.32
CA HIS A 204 3.22 30.14 10.28
C HIS A 204 2.75 30.71 8.95
N HIS A 205 3.31 30.21 7.85
CA HIS A 205 2.88 30.70 6.54
C HIS A 205 2.24 29.62 5.68
N ILE A 206 2.89 28.47 5.64
CA ILE A 206 2.42 27.42 4.74
C ILE A 206 1.04 26.85 5.06
N VAL A 207 0.87 26.33 6.28
CA VAL A 207 -0.44 25.80 6.66
C VAL A 207 -1.55 26.78 6.30
N PRO A 208 -1.46 28.02 6.79
CA PRO A 208 -2.56 28.97 6.59
C PRO A 208 -3.01 29.07 5.13
N LEU A 209 -2.06 29.00 4.19
CA LEU A 209 -2.40 29.13 2.77
C LEU A 209 -3.26 27.95 2.36
N LEU A 210 -2.97 26.82 2.98
CA LEU A 210 -3.74 25.61 2.77
C LEU A 210 -5.07 25.82 3.46
N ARG A 211 -4.99 26.01 4.77
CA ARG A 211 -6.10 26.43 5.63
C ARG A 211 -7.17 27.20 4.83
N GLN A 212 -6.72 28.21 4.09
CA GLN A 212 -7.60 29.06 3.30
C GLN A 212 -8.18 28.27 2.14
N GLU A 213 -7.32 27.47 1.52
CA GLU A 213 -7.72 26.66 0.38
C GLU A 213 -8.80 25.67 0.71
N ASN A 214 -8.88 25.32 1.99
CA ASN A 214 -9.92 24.42 2.47
C ASN A 214 -10.08 24.50 3.97
N PRO A 215 -11.29 24.78 4.42
CA PRO A 215 -11.59 24.96 5.84
C PRO A 215 -11.30 23.69 6.62
N ARG A 216 -11.60 22.56 5.98
CA ARG A 216 -11.56 21.29 6.66
C ARG A 216 -10.28 20.55 6.27
N LEU A 217 -9.14 21.16 6.59
CA LEU A 217 -7.89 20.57 6.20
C LEU A 217 -7.50 19.47 7.15
N HIS A 218 -7.43 19.82 8.44
CA HIS A 218 -6.98 18.88 9.47
C HIS A 218 -7.77 17.59 9.36
N GLU A 219 -8.81 17.64 8.51
CA GLU A 219 -9.67 16.49 8.28
C GLU A 219 -9.13 15.71 7.10
N ARG A 220 -9.02 16.36 5.95
CA ARG A 220 -8.49 15.69 4.74
C ARG A 220 -7.13 15.09 5.04
N PHE A 221 -6.52 15.55 6.13
CA PHE A 221 -5.23 15.03 6.47
C PHE A 221 -5.31 13.87 7.39
N GLN A 222 -6.32 13.88 8.26
CA GLN A 222 -6.45 12.71 9.11
C GLN A 222 -6.84 11.54 8.25
N GLN A 223 -7.96 11.66 7.54
CA GLN A 223 -8.38 10.57 6.68
C GLN A 223 -7.22 10.07 5.84
N TYR A 224 -6.31 10.97 5.50
CA TYR A 224 -5.12 10.52 4.79
C TYR A 224 -4.29 9.59 5.67
N SER A 225 -3.83 10.13 6.80
CA SER A 225 -3.01 9.38 7.74
C SER A 225 -3.59 7.99 7.88
N GLU A 226 -4.89 7.94 8.17
CA GLU A 226 -5.55 6.67 8.40
C GLU A 226 -5.47 5.78 7.15
N MET A 227 -5.84 6.31 5.99
CA MET A 227 -5.66 5.53 4.76
C MET A 227 -4.29 4.88 4.79
N MET A 228 -3.24 5.69 4.80
CA MET A 228 -1.90 5.13 4.76
C MET A 228 -1.57 4.28 5.99
N ALA A 229 -2.19 4.58 7.11
CA ALA A 229 -1.98 3.77 8.30
C ALA A 229 -2.24 2.32 7.95
N GLU A 230 -3.52 2.00 7.71
CA GLU A 230 -3.95 0.64 7.40
C GLU A 230 -3.25 0.09 6.17
N ASP A 231 -3.29 0.82 5.06
CA ASP A 231 -2.62 0.40 3.84
C ASP A 231 -1.23 -0.06 4.24
N GLU A 232 -0.50 0.80 4.93
CA GLU A 232 0.89 0.49 5.28
C GLU A 232 1.06 -0.81 6.06
N GLN A 233 0.38 -0.91 7.20
CA GLN A 233 0.56 -2.06 8.09
C GLN A 233 0.19 -3.39 7.45
N PHE A 234 -0.83 -3.41 6.60
CA PHE A 234 -1.08 -4.63 5.85
C PHE A 234 0.22 -5.10 5.25
N LEU A 235 0.66 -4.40 4.20
CA LEU A 235 1.94 -4.68 3.55
C LEU A 235 2.98 -5.18 4.54
N GLU A 236 3.19 -4.41 5.63
CA GLU A 236 4.12 -4.78 6.69
C GLU A 236 4.02 -6.26 6.99
N GLU A 237 2.81 -6.74 7.30
CA GLU A 237 2.62 -8.16 7.58
C GLU A 237 3.28 -8.93 6.45
N LEU A 238 2.82 -8.67 5.22
CA LEU A 238 3.34 -9.37 4.05
C LEU A 238 4.84 -9.34 4.05
N ALA A 239 5.36 -8.13 4.03
CA ALA A 239 6.79 -7.92 4.14
C ALA A 239 7.39 -8.94 5.06
N ALA A 240 7.14 -8.77 6.36
CA ALA A 240 7.68 -9.66 7.37
C ALA A 240 7.74 -11.07 6.83
N ASP A 241 6.58 -11.67 6.63
CA ASP A 241 6.51 -12.99 6.06
C ASP A 241 7.48 -13.16 4.89
N ALA A 242 7.38 -12.35 3.86
CA ALA A 242 8.34 -12.44 2.78
C ALA A 242 9.72 -12.64 3.37
N LEU A 243 10.21 -11.63 4.08
CA LEU A 243 11.53 -11.70 4.67
C LEU A 243 11.96 -13.12 5.01
N ASN A 244 11.19 -13.75 5.90
CA ASN A 244 11.46 -15.11 6.36
C ASN A 244 11.60 -16.13 5.25
N LYS A 245 10.74 -16.02 4.26
CA LYS A 245 10.75 -16.97 3.16
C LYS A 245 11.85 -16.66 2.13
N VAL A 246 12.74 -15.72 2.46
CA VAL A 246 13.83 -15.36 1.54
C VAL A 246 15.16 -15.32 2.27
N MET A 247 15.10 -15.46 3.59
CA MET A 247 16.30 -15.40 4.42
C MET A 247 16.98 -16.73 4.57
N GLU A 248 18.08 -16.94 3.86
CA GLU A 248 18.96 -17.99 4.29
C GLU A 248 19.14 -17.64 5.74
N LYS A 249 19.04 -18.66 6.58
CA LYS A 249 18.57 -18.46 7.95
C LYS A 249 19.62 -18.08 8.99
N GLN A 250 19.82 -19.00 9.92
CA GLN A 250 20.66 -18.75 11.09
C GLN A 250 22.13 -18.75 10.72
N HIS A 251 22.73 -17.56 10.77
CA HIS A 251 24.17 -17.40 10.57
C HIS A 251 24.75 -16.62 11.74
N ARG A 252 25.84 -15.90 11.50
CA ARG A 252 26.26 -14.86 12.41
C ARG A 252 25.59 -13.58 11.91
N ASP A 253 25.72 -13.37 10.60
CA ASP A 253 25.02 -12.31 9.92
C ASP A 253 24.34 -12.95 8.71
N ALA A 254 23.31 -12.28 8.22
CA ALA A 254 22.29 -12.93 7.40
C ALA A 254 22.49 -12.83 5.89
N ALA A 255 21.99 -13.86 5.21
CA ALA A 255 22.06 -13.97 3.76
C ALA A 255 20.66 -13.87 3.17
N LEU A 256 20.61 -13.60 1.87
CA LEU A 256 19.34 -13.42 1.21
C LEU A 256 19.42 -14.01 -0.18
N SER A 257 18.50 -14.93 -0.51
CA SER A 257 18.55 -15.55 -1.82
C SER A 257 17.90 -14.73 -2.93
N ILE A 258 18.75 -14.21 -3.81
CA ILE A 258 18.36 -13.28 -4.85
C ILE A 258 17.15 -13.76 -5.62
N GLY A 259 17.15 -15.04 -5.99
CA GLY A 259 16.13 -15.59 -6.87
C GLY A 259 14.73 -15.30 -6.39
N PRO A 260 14.30 -16.02 -5.35
CA PRO A 260 13.01 -15.90 -4.67
C PRO A 260 12.71 -14.47 -4.31
N PHE A 261 13.70 -13.77 -3.77
CA PHE A 261 13.54 -12.35 -3.49
C PHE A 261 12.96 -11.66 -4.72
N LEU A 262 13.77 -11.60 -5.78
CA LEU A 262 13.41 -10.81 -6.95
C LEU A 262 12.14 -11.28 -7.67
N GLU A 263 11.70 -12.50 -7.40
CA GLU A 263 10.42 -12.96 -7.91
C GLU A 263 9.28 -12.29 -7.16
N LEU A 264 9.57 -11.82 -5.95
CA LEU A 264 8.63 -10.97 -5.22
C LEU A 264 8.14 -9.81 -6.07
N PRO A 265 7.17 -9.04 -5.53
CA PRO A 265 6.66 -7.77 -6.06
C PRO A 265 7.46 -6.62 -5.46
N ARG A 266 7.77 -5.57 -6.24
CA ARG A 266 8.72 -4.59 -5.71
C ARG A 266 8.27 -4.07 -4.38
N PRO A 267 7.01 -3.61 -4.32
CA PRO A 267 6.51 -3.07 -3.05
C PRO A 267 7.10 -3.83 -1.88
N LEU A 268 7.11 -5.14 -1.96
CA LEU A 268 7.62 -5.95 -0.87
C LEU A 268 9.14 -6.02 -0.87
N GLN A 269 9.73 -6.20 -2.05
CA GLN A 269 11.19 -6.18 -2.17
C GLN A 269 11.71 -5.01 -1.35
N ARG A 270 11.05 -3.87 -1.52
CA ARG A 270 11.38 -2.65 -0.78
C ARG A 270 11.31 -3.01 0.68
N ARG A 271 10.12 -3.35 1.15
CA ARG A 271 9.88 -3.50 2.58
C ARG A 271 10.90 -4.42 3.25
N VAL A 272 10.95 -5.67 2.81
CA VAL A 272 11.85 -6.64 3.42
C VAL A 272 13.24 -6.11 3.52
N LEU A 273 13.66 -5.33 2.53
CA LEU A 273 14.94 -4.64 2.61
C LEU A 273 14.94 -3.67 3.78
N GLN A 274 14.02 -2.70 3.75
CA GLN A 274 13.82 -1.79 4.87
C GLN A 274 13.92 -2.53 6.23
N LEU A 275 13.19 -3.63 6.37
CA LEU A 275 13.17 -4.41 7.61
C LEU A 275 14.51 -5.01 7.90
N LEU A 276 15.01 -5.77 6.96
CA LEU A 276 16.34 -6.32 7.03
C LEU A 276 17.30 -5.43 7.81
N LEU A 277 17.57 -4.27 7.23
CA LEU A 277 18.54 -3.33 7.78
C LEU A 277 18.14 -2.83 9.16
N LEU A 278 16.84 -2.64 9.33
CA LEU A 278 16.30 -2.19 10.60
C LEU A 278 16.70 -3.20 11.66
N ARG A 279 16.43 -4.48 11.37
CA ARG A 279 16.87 -5.56 12.23
C ARG A 279 18.30 -5.30 12.52
N LEU A 280 19.04 -5.07 11.44
CA LEU A 280 20.48 -5.01 11.51
C LEU A 280 21.06 -3.84 12.30
N TYR A 281 20.19 -3.01 12.88
CA TYR A 281 20.59 -2.10 13.96
C TYR A 281 19.47 -1.18 14.49
N GLY A 282 18.80 -0.49 13.57
CA GLY A 282 17.77 0.47 13.92
C GLY A 282 17.88 1.77 13.14
N GLY A 283 17.11 1.85 12.05
CA GLY A 283 16.95 3.07 11.29
C GLY A 283 17.97 4.13 11.60
N VAL A 284 19.12 4.02 10.95
CA VAL A 284 20.21 4.95 11.18
C VAL A 284 20.01 6.27 10.43
N PRO A 285 20.81 7.29 10.75
CA PRO A 285 20.59 8.63 10.16
C PRO A 285 20.95 8.74 8.69
N PRO A 286 22.23 8.55 8.33
CA PRO A 286 22.63 8.89 6.98
C PRO A 286 22.30 7.76 6.04
N THR A 287 21.05 7.31 6.04
CA THR A 287 20.73 6.06 5.35
C THR A 287 19.76 6.18 4.19
N LEU A 288 19.51 7.41 3.73
CA LEU A 288 18.86 7.67 2.44
C LEU A 288 18.27 6.41 1.78
N THR A 289 17.03 6.06 2.16
CA THR A 289 16.35 4.90 1.60
C THR A 289 16.69 4.90 0.13
N SER A 290 15.87 5.64 -0.61
CA SER A 290 16.11 5.99 -1.99
C SER A 290 17.44 5.39 -2.39
N VAL A 291 18.49 6.14 -2.09
CA VAL A 291 19.82 5.82 -2.56
C VAL A 291 20.15 4.36 -2.29
N HIS A 292 20.02 3.97 -1.02
CA HIS A 292 20.53 2.67 -0.58
C HIS A 292 19.67 1.52 -1.10
N ILE A 293 18.42 1.50 -0.63
CA ILE A 293 17.52 0.44 -0.99
C ILE A 293 17.62 0.26 -2.50
N GLY A 294 17.57 1.35 -3.25
CA GLY A 294 17.78 1.33 -4.68
C GLY A 294 19.02 0.55 -5.08
N HIS A 295 20.18 0.97 -4.57
CA HIS A 295 21.46 0.36 -4.88
C HIS A 295 21.52 -1.16 -4.64
N ILE A 296 21.07 -1.59 -3.46
CA ILE A 296 20.83 -3.01 -3.21
C ILE A 296 20.05 -3.68 -4.35
N LEU A 297 18.80 -3.26 -4.52
CA LEU A 297 18.01 -3.69 -5.66
C LEU A 297 18.75 -3.68 -6.99
N MET A 298 19.48 -2.62 -7.28
CA MET A 298 20.28 -2.56 -8.49
C MET A 298 21.26 -3.70 -8.47
N LEU A 299 21.90 -3.87 -7.32
CA LEU A 299 22.98 -4.84 -7.17
C LEU A 299 22.51 -6.25 -7.46
N CYS A 300 21.20 -6.43 -7.50
CA CYS A 300 20.68 -7.78 -7.64
C CYS A 300 20.06 -8.07 -8.98
N GLU A 301 19.70 -7.03 -9.71
CA GLU A 301 19.26 -7.20 -11.08
C GLU A 301 20.44 -7.09 -12.05
N ARG A 302 21.59 -6.63 -11.52
CA ARG A 302 22.82 -6.57 -12.29
C ARG A 302 22.97 -7.80 -13.15
N GLY A 303 23.89 -7.72 -14.09
CA GLY A 303 24.39 -8.90 -14.77
C GLY A 303 25.58 -9.42 -14.01
N ARG A 304 26.46 -8.51 -13.59
CA ARG A 304 27.70 -8.86 -12.88
C ARG A 304 27.41 -9.40 -11.47
N PRO A 305 27.71 -10.69 -11.27
CA PRO A 305 27.65 -11.61 -10.12
C PRO A 305 28.56 -11.21 -8.96
N SER A 306 29.76 -10.71 -9.25
CA SER A 306 30.62 -10.10 -8.22
C SER A 306 30.12 -8.70 -7.98
N GLY A 307 29.81 -8.37 -6.73
CA GLY A 307 29.25 -7.06 -6.45
C GLY A 307 29.39 -6.56 -5.02
N MET A 308 30.11 -5.45 -4.86
CA MET A 308 30.26 -4.82 -3.56
C MET A 308 29.49 -3.52 -3.41
N ILE A 309 29.07 -3.25 -2.19
CA ILE A 309 28.41 -1.99 -1.91
C ILE A 309 28.75 -1.51 -0.51
N ASP A 310 29.10 -0.25 -0.35
CA ASP A 310 29.44 0.21 0.99
C ASP A 310 28.29 1.00 1.58
N LEU A 311 27.98 0.68 2.83
CA LEU A 311 26.84 1.28 3.53
C LEU A 311 27.22 1.98 4.81
N PRO A 312 26.26 2.70 5.41
CA PRO A 312 26.41 3.48 6.64
C PRO A 312 26.76 2.59 7.83
N LYS A 313 27.57 3.13 8.76
CA LYS A 313 28.19 2.38 9.85
C LYS A 313 28.95 1.18 9.30
N GLY A 314 29.73 1.43 8.25
CA GLY A 314 30.63 0.47 7.66
C GLY A 314 29.98 -0.87 7.40
N LEU A 315 28.69 -0.83 7.15
CA LEU A 315 27.93 -2.00 6.80
C LEU A 315 28.18 -2.31 5.33
N LYS A 316 28.37 -3.59 5.01
CA LYS A 316 28.79 -4.00 3.67
C LYS A 316 27.84 -5.04 3.07
N VAL A 317 27.63 -4.98 1.74
CA VAL A 317 26.64 -5.80 1.05
C VAL A 317 27.19 -6.47 -0.22
N ILE A 318 27.09 -7.79 -0.25
CA ILE A 318 27.78 -8.59 -1.26
C ILE A 318 26.90 -9.56 -2.03
N ARG A 319 27.11 -9.64 -3.33
CA ARG A 319 26.48 -10.68 -4.13
C ARG A 319 27.53 -11.68 -4.55
N SER A 320 27.20 -12.93 -4.30
CA SER A 320 27.95 -14.04 -4.84
C SER A 320 26.95 -14.88 -5.64
N TYR A 321 26.90 -14.62 -6.93
CA TYR A 321 25.99 -15.33 -7.80
C TYR A 321 24.56 -15.14 -7.34
N ASP A 322 24.03 -16.11 -6.60
CA ASP A 322 22.64 -15.98 -6.20
C ASP A 322 22.46 -15.60 -4.74
N ARG A 323 23.56 -15.54 -4.01
CA ARG A 323 23.49 -15.27 -2.58
C ARG A 323 23.57 -13.78 -2.41
N CYS A 324 23.21 -13.30 -1.22
CA CYS A 324 23.36 -11.88 -0.91
C CYS A 324 23.77 -11.66 0.55
N LEU A 325 25.08 -11.61 0.78
CA LEU A 325 25.65 -11.53 2.11
C LEU A 325 25.46 -10.13 2.67
N PHE A 326 24.84 -10.02 3.84
CA PHE A 326 24.92 -8.76 4.57
C PHE A 326 25.82 -8.97 5.77
N THR A 327 27.02 -8.43 5.71
CA THR A 327 27.89 -8.43 6.89
C THR A 327 28.43 -7.04 6.99
N PHE A 328 28.15 -6.39 8.11
CA PHE A 328 28.74 -5.09 8.34
C PHE A 328 30.15 -5.39 8.84
N ASP A 329 30.36 -6.66 9.19
CA ASP A 329 31.65 -7.21 9.59
C ASP A 329 32.82 -6.76 8.70
N ALA A 330 33.30 -7.66 7.86
CA ALA A 330 34.38 -7.43 6.89
C ALA A 330 34.51 -8.79 6.27
N GLU A 331 35.38 -8.96 5.27
CA GLU A 331 35.57 -10.27 4.66
C GLU A 331 37.04 -10.66 4.71
N SER A 332 37.88 -9.70 4.33
CA SER A 332 39.29 -9.80 4.61
C SER A 332 39.54 -9.29 6.01
N GLY A 333 40.29 -10.08 6.78
CA GLY A 333 40.61 -11.44 6.36
C GLY A 333 42.02 -11.72 5.87
N GLU A 334 42.16 -12.02 4.58
CA GLU A 334 43.40 -12.53 3.97
C GLU A 334 43.21 -13.99 3.67
N LYS A 335 44.14 -14.60 2.94
CA LYS A 335 44.02 -16.02 2.61
C LYS A 335 45.26 -16.55 1.88
N GLY A 336 45.22 -17.84 1.51
CA GLY A 336 46.28 -18.49 0.78
C GLY A 336 46.91 -19.62 1.58
N TYR A 337 47.61 -20.52 0.87
CA TYR A 337 48.38 -21.62 1.50
C TYR A 337 49.20 -22.49 0.54
N TRP A 338 50.26 -23.10 1.08
CA TRP A 338 51.18 -23.90 0.29
C TRP A 338 51.63 -25.08 1.16
N PHE A 339 51.40 -26.29 0.68
CA PHE A 339 51.77 -27.48 1.44
C PHE A 339 52.51 -28.46 0.55
N GLU A 340 53.49 -29.17 1.11
CA GLU A 340 54.02 -30.35 0.45
C GLU A 340 53.01 -31.47 0.65
N LEU A 341 52.97 -32.44 -0.26
CA LEU A 341 52.01 -33.54 -0.15
C LEU A 341 52.69 -34.86 0.19
N PRO A 342 52.66 -35.20 1.48
CA PRO A 342 53.19 -36.42 2.08
C PRO A 342 52.38 -37.59 1.56
N VAL A 343 53.05 -38.68 1.22
CA VAL A 343 52.30 -39.83 0.77
C VAL A 343 52.90 -41.06 1.44
N PRO A 344 52.03 -41.91 2.04
CA PRO A 344 50.60 -41.68 2.26
C PRO A 344 50.36 -40.78 3.46
N ALA A 345 49.23 -40.09 3.47
CA ALA A 345 48.92 -39.12 4.52
C ALA A 345 47.53 -38.55 4.36
N LEU A 346 47.04 -37.90 5.41
CA LEU A 346 45.72 -37.30 5.40
C LEU A 346 45.82 -35.81 5.70
N LEU A 347 45.91 -35.02 4.64
CA LEU A 347 46.09 -33.58 4.76
C LEU A 347 44.76 -32.83 4.76
N PRO A 348 44.49 -32.08 5.85
CA PRO A 348 43.26 -31.27 5.98
C PRO A 348 43.45 -29.84 5.45
N LEU A 349 42.47 -29.39 4.67
CA LEU A 349 42.55 -28.07 4.07
C LEU A 349 41.57 -27.09 4.69
N PRO A 350 42.01 -25.84 4.84
CA PRO A 350 41.29 -24.70 5.41
C PRO A 350 39.90 -24.46 4.82
N ASN A 351 39.47 -25.31 3.92
CA ASN A 351 38.09 -25.25 3.45
C ASN A 351 37.30 -26.51 3.73
N GLY A 352 37.31 -26.95 5.00
CA GLY A 352 36.48 -28.07 5.42
C GLY A 352 36.55 -29.31 4.54
N TYR A 353 37.52 -29.35 3.64
CA TYR A 353 37.79 -30.54 2.83
C TYR A 353 39.20 -30.99 3.11
N ALA A 354 39.64 -32.04 2.41
CA ALA A 354 40.97 -32.58 2.60
C ALA A 354 41.32 -33.60 1.53
N ILE A 355 42.62 -33.85 1.38
CA ILE A 355 43.13 -34.79 0.39
C ILE A 355 43.83 -36.01 1.00
N ILE A 356 43.60 -37.16 0.41
CA ILE A 356 44.13 -38.40 0.94
C ILE A 356 44.99 -39.08 -0.12
N SER A 357 46.22 -39.38 0.26
CA SER A 357 47.18 -39.99 -0.65
C SER A 357 47.50 -41.39 -0.19
N GLU A 358 47.65 -42.31 -1.14
CA GLU A 358 48.04 -43.67 -0.79
C GLU A 358 48.72 -44.36 -1.95
N PHE A 359 49.32 -45.51 -1.65
CA PHE A 359 49.99 -46.29 -2.69
C PHE A 359 49.17 -47.50 -3.09
N GLY A 360 49.34 -47.93 -4.32
CA GLY A 360 48.48 -48.96 -4.85
C GLY A 360 49.23 -49.84 -5.81
N GLU A 361 49.36 -51.10 -5.42
CA GLU A 361 49.96 -52.10 -6.27
C GLU A 361 49.24 -52.08 -7.60
N HIS A 362 47.94 -52.27 -7.54
CA HIS A 362 47.11 -52.36 -8.73
C HIS A 362 46.60 -51.00 -9.14
N TYR A 363 46.12 -50.93 -10.37
CA TYR A 363 45.56 -49.70 -10.90
C TYR A 363 44.20 -49.47 -10.28
N PRO A 364 43.88 -48.20 -9.97
CA PRO A 364 42.59 -47.76 -9.43
C PRO A 364 41.45 -48.22 -10.32
N ARG A 365 40.36 -48.71 -9.76
CA ARG A 365 39.27 -49.23 -10.60
C ARG A 365 37.93 -48.51 -10.37
N LYS A 366 37.97 -47.49 -9.50
CA LYS A 366 36.81 -46.68 -9.17
C LYS A 366 36.28 -45.84 -10.35
N GLN A 367 34.97 -45.64 -10.38
CA GLN A 367 34.32 -44.95 -11.48
C GLN A 367 35.06 -43.71 -11.96
N ALA A 368 34.85 -43.36 -13.23
CA ALA A 368 35.34 -42.10 -13.76
C ALA A 368 34.91 -41.00 -12.80
N GLY A 369 35.66 -39.91 -12.74
CA GLY A 369 35.31 -38.86 -11.79
C GLY A 369 36.25 -37.69 -11.71
N ASN A 370 36.26 -37.03 -10.57
CA ASN A 370 37.03 -35.81 -10.44
C ASN A 370 37.64 -35.66 -9.07
N ASP A 371 36.96 -36.17 -8.06
CA ASP A 371 37.41 -35.95 -6.71
C ASP A 371 38.49 -36.99 -6.38
N TRP A 372 39.03 -37.62 -7.42
CA TRP A 372 40.17 -38.53 -7.28
C TRP A 372 41.11 -38.38 -8.47
N PHE A 373 42.37 -38.78 -8.29
CA PHE A 373 43.40 -38.53 -9.30
C PHE A 373 44.64 -39.42 -9.14
N VAL A 374 45.10 -39.97 -10.26
CA VAL A 374 46.15 -41.00 -10.26
C VAL A 374 47.47 -40.61 -10.93
N VAL A 375 48.56 -40.86 -10.20
CA VAL A 375 49.91 -40.45 -10.61
C VAL A 375 50.97 -41.56 -10.65
N ASP A 376 51.86 -41.50 -11.66
CA ASP A 376 52.97 -42.43 -11.77
C ASP A 376 54.18 -41.85 -11.07
N PRO A 377 54.67 -42.56 -10.03
CA PRO A 377 55.85 -42.05 -9.34
C PRO A 377 56.91 -41.68 -10.36
N ALA A 378 57.18 -42.61 -11.28
CA ALA A 378 58.15 -42.38 -12.32
C ALA A 378 57.90 -41.08 -13.08
N SER A 379 56.98 -41.09 -14.03
CA SER A 379 56.84 -39.97 -14.96
C SER A 379 56.63 -38.55 -14.38
N VAL A 380 56.90 -38.35 -13.09
CA VAL A 380 56.89 -37.00 -12.54
C VAL A 380 57.76 -36.83 -11.30
N SER A 381 58.33 -35.64 -11.17
CA SER A 381 59.16 -35.27 -10.02
C SER A 381 58.34 -34.87 -8.81
N LEU A 382 58.64 -35.55 -7.71
CA LEU A 382 57.98 -35.31 -6.46
C LEU A 382 58.90 -34.36 -5.73
N PRO A 383 58.50 -33.87 -4.54
CA PRO A 383 57.27 -34.25 -3.85
C PRO A 383 56.09 -33.55 -4.50
N LEU A 384 54.91 -33.76 -3.96
CA LEU A 384 53.73 -33.13 -4.51
C LEU A 384 53.31 -31.94 -3.66
N ARG A 385 53.14 -30.79 -4.28
CA ARG A 385 52.65 -29.63 -3.58
C ARG A 385 51.19 -29.37 -3.93
N VAL A 386 50.42 -28.94 -2.94
CA VAL A 386 49.07 -28.47 -3.17
C VAL A 386 48.99 -27.08 -2.55
N ARG A 387 48.72 -26.10 -3.38
CA ARG A 387 48.67 -24.71 -2.93
C ARG A 387 47.53 -23.93 -3.57
N THR A 388 47.40 -22.67 -3.17
CA THR A 388 46.32 -21.82 -3.64
C THR A 388 46.66 -21.12 -4.95
N ARG A 389 45.62 -20.69 -5.66
CA ARG A 389 45.77 -20.14 -7.00
C ARG A 389 46.74 -18.99 -7.04
N ARG A 390 47.32 -18.78 -8.22
CA ARG A 390 48.43 -17.85 -8.42
C ARG A 390 48.31 -17.08 -9.75
N ARG A 391 48.45 -15.75 -9.67
CA ARG A 391 48.25 -14.83 -10.81
C ARG A 391 48.02 -15.41 -12.22
N GLY A 392 48.96 -16.20 -12.75
CA GLY A 392 48.89 -16.60 -14.13
C GLY A 392 48.75 -18.08 -14.42
N ASP A 393 48.29 -18.85 -13.44
CA ASP A 393 48.24 -20.33 -13.52
C ASP A 393 47.54 -20.89 -14.75
N ARG A 394 48.06 -21.99 -15.28
CA ARG A 394 47.40 -22.75 -16.36
C ARG A 394 47.65 -24.26 -16.29
N MET A 395 46.98 -24.97 -17.18
CA MET A 395 47.15 -26.42 -17.25
C MET A 395 46.66 -26.94 -18.59
N VAL A 396 46.65 -28.27 -18.70
CA VAL A 396 46.37 -28.98 -19.94
C VAL A 396 45.44 -30.15 -19.68
N LEU A 397 44.56 -30.44 -20.63
CA LEU A 397 43.29 -31.07 -20.27
C LEU A 397 43.12 -32.54 -20.65
N LYS A 398 42.67 -33.36 -19.70
CA LYS A 398 42.76 -34.81 -19.86
C LYS A 398 42.80 -35.29 -21.33
N GLY A 399 41.86 -34.82 -22.15
CA GLY A 399 41.71 -35.34 -23.50
C GLY A 399 42.32 -34.46 -24.58
N THR A 400 41.46 -33.74 -25.29
CA THR A 400 41.92 -32.74 -26.22
C THR A 400 42.00 -31.37 -25.53
N GLY A 401 41.02 -30.52 -25.82
CA GLY A 401 40.87 -29.27 -25.11
C GLY A 401 42.05 -28.32 -25.23
N GLY A 402 43.20 -28.74 -24.72
CA GLY A 402 44.42 -27.95 -24.85
C GLY A 402 44.98 -27.40 -23.55
N THR A 403 45.42 -26.14 -23.61
CA THR A 403 45.92 -25.45 -22.45
C THR A 403 44.87 -24.45 -22.05
N LYS A 404 44.58 -24.30 -20.75
CA LYS A 404 43.63 -23.28 -20.29
C LYS A 404 44.00 -22.58 -18.98
N LYS A 405 43.60 -21.30 -18.85
CA LYS A 405 43.93 -20.57 -17.64
C LYS A 405 43.11 -21.12 -16.48
N LEU A 406 43.68 -21.20 -15.29
CA LEU A 406 42.87 -21.61 -14.14
C LEU A 406 41.71 -20.64 -13.98
N LYS A 407 42.03 -19.34 -13.92
CA LYS A 407 41.03 -18.27 -13.80
C LYS A 407 39.85 -18.58 -14.70
N GLU A 408 40.14 -18.87 -15.96
CA GLU A 408 39.10 -19.10 -16.95
C GLU A 408 38.16 -20.19 -16.44
N ILE A 409 38.70 -21.15 -15.70
CA ILE A 409 37.91 -22.30 -15.23
C ILE A 409 36.96 -22.00 -14.10
N PHE A 410 37.51 -21.51 -13.00
CA PHE A 410 36.71 -21.15 -11.84
C PHE A 410 35.48 -20.38 -12.25
N ILE A 411 35.61 -19.53 -13.27
CA ILE A 411 34.51 -18.64 -13.63
C ILE A 411 33.49 -19.39 -14.45
N GLU A 412 33.96 -20.35 -15.24
CA GLU A 412 33.05 -21.17 -16.05
C GLU A 412 32.28 -22.13 -15.16
N ALA A 413 32.97 -22.68 -14.18
CA ALA A 413 32.36 -23.54 -13.17
C ALA A 413 31.71 -22.69 -12.07
N LYS A 414 31.44 -21.45 -12.42
CA LYS A 414 30.71 -20.51 -11.56
C LYS A 414 30.86 -20.73 -10.03
N ILE A 415 32.10 -20.67 -9.55
CA ILE A 415 32.44 -20.82 -8.14
C ILE A 415 32.57 -19.50 -7.39
N PRO A 416 32.03 -19.45 -6.17
CA PRO A 416 32.13 -18.24 -5.36
C PRO A 416 33.58 -17.78 -5.25
N ARG A 417 33.82 -16.49 -5.04
CA ARG A 417 35.18 -15.98 -5.02
C ARG A 417 35.96 -16.48 -3.80
N MET A 418 35.52 -16.13 -2.60
CA MET A 418 36.18 -16.65 -1.40
C MET A 418 36.51 -18.14 -1.54
N GLU A 419 35.73 -18.87 -2.34
CA GLU A 419 36.05 -20.25 -2.66
C GLU A 419 37.33 -20.30 -3.49
N ARG A 420 37.30 -19.61 -4.63
CA ARG A 420 38.39 -19.65 -5.59
C ARG A 420 39.72 -19.53 -4.87
N ASP A 421 39.77 -18.61 -3.91
CA ASP A 421 41.00 -18.35 -3.19
C ASP A 421 41.43 -19.52 -2.29
N ARG A 422 40.58 -19.97 -1.39
CA ARG A 422 40.91 -21.08 -0.51
C ARG A 422 40.95 -22.44 -1.25
N TRP A 423 40.62 -22.46 -2.54
CA TRP A 423 40.61 -23.69 -3.33
C TRP A 423 42.02 -24.25 -3.53
N PRO A 424 42.16 -25.57 -3.44
CA PRO A 424 43.46 -26.22 -3.61
C PRO A 424 43.80 -26.52 -5.06
N ILE A 425 45.04 -26.28 -5.47
CA ILE A 425 45.58 -26.78 -6.73
C ILE A 425 46.65 -27.80 -6.36
N VAL A 426 46.94 -28.73 -7.25
CA VAL A 426 47.99 -29.70 -6.98
C VAL A 426 49.07 -29.73 -8.07
N GLU A 427 50.29 -29.34 -7.70
CA GLU A 427 51.42 -29.33 -8.62
C GLU A 427 52.49 -30.37 -8.26
N ASP A 428 53.40 -30.64 -9.19
CA ASP A 428 54.54 -31.50 -8.92
C ASP A 428 55.69 -30.61 -8.51
N ALA A 429 56.78 -31.21 -8.07
CA ALA A 429 57.96 -30.43 -7.67
C ALA A 429 58.25 -29.30 -8.69
N ASP A 430 58.13 -29.64 -9.97
CA ASP A 430 58.50 -28.75 -11.05
C ASP A 430 57.51 -27.63 -11.27
N GLY A 431 56.46 -27.59 -10.46
CA GLY A 431 55.47 -26.52 -10.52
C GLY A 431 54.36 -26.69 -11.55
N ARG A 432 54.40 -27.80 -12.30
CA ARG A 432 53.35 -28.20 -13.24
C ARG A 432 52.07 -28.52 -12.52
N ILE A 433 50.96 -27.93 -12.94
CA ILE A 433 49.69 -28.22 -12.31
C ILE A 433 49.13 -29.54 -12.81
N LEU A 434 48.72 -30.39 -11.87
CA LEU A 434 48.35 -31.75 -12.20
C LEU A 434 46.87 -31.97 -12.14
N TRP A 435 46.24 -31.37 -11.13
CA TRP A 435 44.85 -31.68 -10.90
C TRP A 435 44.20 -30.73 -9.93
N VAL A 436 43.05 -30.20 -10.34
CA VAL A 436 42.31 -29.29 -9.49
C VAL A 436 41.07 -29.97 -8.97
N PRO A 437 41.15 -30.49 -7.75
CA PRO A 437 40.11 -31.19 -7.01
C PRO A 437 38.70 -30.82 -7.45
N GLY A 438 37.93 -31.82 -7.88
CA GLY A 438 36.51 -31.68 -8.18
C GLY A 438 36.19 -30.61 -9.20
N LEU A 439 37.17 -30.29 -10.03
CA LEU A 439 37.04 -29.22 -11.01
C LEU A 439 37.62 -29.59 -12.36
N LYS A 440 38.86 -30.06 -12.39
CA LYS A 440 39.46 -30.45 -13.66
C LYS A 440 40.74 -31.23 -13.46
N LYS A 441 40.96 -32.20 -14.35
CA LYS A 441 42.17 -33.02 -14.33
C LYS A 441 43.09 -32.65 -15.49
N SER A 442 44.39 -32.64 -15.22
CA SER A 442 45.39 -32.32 -16.24
C SER A 442 45.38 -33.34 -17.36
N ALA A 443 46.52 -33.52 -18.01
CA ALA A 443 46.65 -34.54 -19.05
C ALA A 443 47.65 -35.52 -18.54
N PHE A 444 48.20 -35.25 -17.36
CA PHE A 444 49.27 -36.07 -16.84
C PHE A 444 48.78 -37.02 -15.77
N GLU A 445 47.49 -37.31 -15.80
CA GLU A 445 46.99 -38.36 -14.94
C GLU A 445 47.55 -39.67 -15.44
N ALA A 446 48.21 -40.41 -14.58
CA ALA A 446 48.90 -41.62 -15.00
C ALA A 446 47.93 -42.62 -15.59
N GLN A 447 48.05 -42.86 -16.88
CA GLN A 447 47.20 -43.83 -17.55
C GLN A 447 47.68 -45.20 -17.11
N ASN A 448 46.97 -46.24 -17.54
CA ASN A 448 47.22 -47.62 -17.08
C ASN A 448 48.54 -48.26 -17.55
N ARG A 449 49.41 -47.47 -18.17
CA ARG A 449 50.60 -47.99 -18.83
C ARG A 449 51.04 -49.37 -18.34
N GLY A 450 51.32 -49.51 -17.06
CA GLY A 450 51.71 -50.81 -16.55
C GLY A 450 51.54 -50.87 -15.05
N GLN A 451 51.15 -52.04 -14.56
CA GLN A 451 50.89 -52.22 -13.13
C GLN A 451 52.12 -52.10 -12.22
N ALA A 452 52.96 -51.10 -12.50
CA ALA A 452 54.10 -50.72 -11.67
C ALA A 452 53.63 -50.34 -10.27
N ARG A 453 53.93 -49.10 -9.87
CA ARG A 453 53.47 -48.59 -8.59
C ARG A 453 52.66 -47.33 -8.83
N TYR A 454 51.65 -47.09 -8.00
CA TYR A 454 50.72 -46.00 -8.25
C TYR A 454 50.41 -45.12 -7.02
N ILE A 455 50.10 -43.84 -7.26
CA ILE A 455 49.65 -42.95 -6.19
C ILE A 455 48.20 -42.54 -6.37
N LEU A 456 47.49 -42.44 -5.25
CA LEU A 456 46.07 -42.17 -5.32
C LEU A 456 45.71 -40.95 -4.49
N LEU A 457 44.99 -40.04 -5.11
CA LEU A 457 44.55 -38.84 -4.42
C LEU A 457 43.03 -38.78 -4.36
N GLN A 458 42.48 -38.78 -3.16
CA GLN A 458 41.04 -38.64 -2.96
C GLN A 458 40.76 -37.26 -2.35
N TYR A 459 39.95 -36.44 -3.01
CA TYR A 459 39.57 -35.17 -2.41
C TYR A 459 38.20 -35.38 -1.74
N GLN A 460 38.10 -34.98 -0.49
CA GLN A 460 36.92 -35.33 0.30
C GLN A 460 36.63 -34.32 1.43
N ALA A 461 35.44 -34.40 2.02
CA ALA A 461 34.96 -33.42 2.99
C ALA A 461 35.36 -33.72 4.45
N MET A 462 34.61 -33.15 5.39
CA MET A 462 34.81 -33.41 6.82
C MET A 462 33.56 -34.00 7.47
N MET B 1 18.51 15.80 -18.50
CA MET B 1 18.23 16.49 -19.74
C MET B 1 18.97 15.79 -20.85
N ILE B 2 18.24 15.48 -21.92
CA ILE B 2 18.71 14.63 -23.02
C ILE B 2 19.01 13.21 -22.55
N ASP B 3 19.48 13.10 -21.31
CA ASP B 3 19.84 11.82 -20.70
C ASP B 3 19.22 11.62 -19.33
N LYS B 4 19.21 12.66 -18.50
CA LYS B 4 18.45 12.57 -17.25
C LYS B 4 17.06 12.15 -17.70
N VAL B 5 16.53 12.88 -18.67
CA VAL B 5 15.23 12.55 -19.22
C VAL B 5 15.26 11.32 -20.13
N ARG B 6 16.40 10.99 -20.73
CA ARG B 6 16.48 9.75 -21.51
C ARG B 6 16.53 8.52 -20.59
N ALA B 7 17.27 8.65 -19.50
CA ALA B 7 17.32 7.63 -18.47
C ALA B 7 15.89 7.36 -18.02
N PHE B 8 15.24 8.45 -17.59
CA PHE B 8 13.84 8.43 -17.21
C PHE B 8 12.96 7.66 -18.20
N ILE B 9 13.19 7.91 -19.49
CA ILE B 9 12.44 7.21 -20.52
C ILE B 9 12.68 5.71 -20.36
N HIS B 10 13.94 5.38 -20.12
CA HIS B 10 14.36 4.01 -20.00
C HIS B 10 13.91 3.42 -18.66
N ARG B 11 14.23 4.11 -17.55
CA ARG B 11 13.75 3.71 -16.22
C ARG B 11 12.33 3.17 -16.36
N HIS B 12 11.45 4.00 -16.91
CA HIS B 12 10.03 3.68 -16.96
C HIS B 12 9.63 3.09 -18.31
N GLN B 13 10.65 2.71 -19.06
CA GLN B 13 10.48 1.90 -20.26
C GLN B 13 9.18 2.20 -21.03
N LEU B 14 8.80 1.25 -21.90
CA LEU B 14 7.71 1.40 -22.87
C LEU B 14 7.52 2.83 -23.44
N LEU B 15 8.40 3.75 -23.08
CA LEU B 15 8.26 5.13 -23.51
C LEU B 15 8.96 5.38 -24.86
N SER B 16 10.10 4.71 -25.08
CA SER B 16 10.90 4.80 -26.33
C SER B 16 10.96 3.41 -27.01
N GLU B 17 9.81 2.96 -27.50
CA GLU B 17 9.73 1.64 -28.09
C GLU B 17 8.69 1.55 -29.21
N GLY B 18 9.08 1.82 -30.45
CA GLY B 18 8.18 1.61 -31.57
C GLY B 18 8.38 2.49 -32.80
N ALA B 19 7.52 3.48 -33.00
CA ALA B 19 7.62 4.32 -34.19
C ALA B 19 6.69 5.55 -34.25
N ALA B 20 5.64 5.61 -33.42
CA ALA B 20 4.59 6.63 -33.63
C ALA B 20 4.20 7.47 -32.40
N VAL B 21 4.48 8.78 -32.44
CA VAL B 21 4.11 9.71 -31.33
C VAL B 21 3.34 10.94 -31.74
N ILE B 22 2.51 11.40 -30.82
CA ILE B 22 1.79 12.67 -30.96
C ILE B 22 2.12 13.52 -29.74
N VAL B 23 3.03 14.45 -29.90
CA VAL B 23 3.49 15.25 -28.77
C VAL B 23 2.78 16.61 -28.72
N GLY B 24 1.92 16.77 -27.73
CA GLY B 24 1.13 17.98 -27.57
C GLY B 24 1.89 19.15 -26.98
N VAL B 25 1.37 20.34 -27.22
CA VAL B 25 2.08 21.57 -26.90
C VAL B 25 1.09 22.70 -26.65
N SER B 26 1.31 23.48 -25.60
CA SER B 26 0.41 24.59 -25.35
C SER B 26 1.15 25.91 -25.27
N GLY B 27 1.27 26.45 -24.05
CA GLY B 27 1.78 27.79 -23.83
C GLY B 27 2.88 28.33 -24.73
N GLY B 28 4.09 28.40 -24.19
CA GLY B 28 5.25 28.78 -24.96
C GLY B 28 6.42 27.95 -24.49
N PRO B 29 7.23 28.52 -23.58
CA PRO B 29 8.50 28.05 -23.02
C PRO B 29 8.58 26.54 -22.87
N ASP B 30 7.65 26.03 -22.07
CA ASP B 30 7.61 24.63 -21.71
C ASP B 30 7.41 23.77 -22.95
N SER B 31 6.31 24.02 -23.66
CA SER B 31 5.86 23.16 -24.75
C SER B 31 6.86 23.03 -25.90
N LEU B 32 7.51 24.14 -26.23
CA LEU B 32 8.48 24.13 -27.32
C LEU B 32 9.67 23.26 -26.95
N ALA B 33 10.16 23.40 -25.72
CA ALA B 33 11.32 22.63 -25.25
C ALA B 33 11.13 21.12 -25.42
N LEU B 34 9.92 20.65 -25.11
CA LEU B 34 9.58 19.24 -25.29
C LEU B 34 9.92 18.76 -26.69
N LEU B 35 9.09 19.16 -27.65
CA LEU B 35 9.34 18.91 -29.07
C LEU B 35 10.81 18.74 -29.36
N HIS B 36 11.56 19.80 -29.08
CA HIS B 36 12.99 19.83 -29.32
C HIS B 36 13.65 18.52 -28.87
N VAL B 37 13.60 18.27 -27.58
CA VAL B 37 14.21 17.08 -26.99
C VAL B 37 13.66 15.82 -27.61
N PHE B 38 12.39 15.89 -28.00
CA PHE B 38 11.75 14.76 -28.61
C PHE B 38 12.45 14.51 -29.93
N LEU B 39 12.39 15.50 -30.82
CA LEU B 39 13.02 15.35 -32.13
C LEU B 39 14.35 14.62 -32.03
N SER B 40 15.26 15.17 -31.24
CA SER B 40 16.61 14.62 -31.13
C SER B 40 16.67 13.16 -30.67
N LEU B 41 15.83 12.81 -29.69
CA LEU B 41 15.87 11.46 -29.16
C LEU B 41 15.02 10.50 -30.00
N ARG B 42 14.25 11.04 -30.95
CA ARG B 42 13.45 10.21 -31.86
C ARG B 42 14.25 9.72 -33.05
N ASP B 43 15.16 10.57 -33.52
CA ASP B 43 16.16 10.12 -34.46
C ASP B 43 16.96 9.04 -33.74
N GLU B 44 17.46 9.40 -32.56
CA GLU B 44 18.29 8.54 -31.72
C GLU B 44 17.65 7.19 -31.37
N TRP B 45 16.33 7.11 -31.43
CA TRP B 45 15.60 5.92 -30.99
C TRP B 45 14.50 5.39 -31.94
N LYS B 46 14.63 5.60 -33.25
CA LYS B 46 13.78 4.87 -34.22
C LYS B 46 12.33 5.39 -34.38
N LEU B 47 12.14 6.66 -34.74
CA LEU B 47 10.88 7.29 -34.37
C LEU B 47 10.37 8.50 -35.18
N GLN B 48 9.05 8.48 -35.49
CA GLN B 48 8.31 9.54 -36.23
C GLN B 48 7.47 10.52 -35.37
N VAL B 49 7.94 11.77 -35.24
CA VAL B 49 7.33 12.80 -34.38
C VAL B 49 6.21 13.60 -35.04
N ILE B 50 5.19 13.96 -34.25
CA ILE B 50 4.08 14.76 -34.76
C ILE B 50 3.56 15.77 -33.72
N ALA B 51 3.95 17.03 -33.88
CA ALA B 51 3.50 18.09 -32.97
C ALA B 51 1.99 18.29 -33.12
N ALA B 52 1.33 18.63 -32.01
CA ALA B 52 -0.12 18.82 -31.99
C ALA B 52 -0.48 19.82 -30.91
N HIS B 53 -0.99 20.98 -31.32
CA HIS B 53 -1.30 22.05 -30.37
C HIS B 53 -2.69 22.58 -30.59
N VAL B 54 -3.43 22.71 -29.50
CA VAL B 54 -4.80 23.14 -29.54
C VAL B 54 -4.88 24.51 -28.91
N ASP B 55 -5.67 25.39 -29.49
CA ASP B 55 -5.93 26.64 -28.82
C ASP B 55 -7.33 26.73 -28.24
N HIS B 56 -7.36 27.00 -26.94
CA HIS B 56 -8.56 27.11 -26.16
C HIS B 56 -9.02 28.56 -26.19
N MET B 57 -10.17 28.86 -25.59
CA MET B 57 -10.64 30.25 -25.62
C MET B 57 -10.21 31.07 -24.40
N PHE B 58 -9.63 32.23 -24.71
CA PHE B 58 -9.23 33.27 -23.75
C PHE B 58 -8.34 34.18 -24.60
N ARG B 59 -7.79 33.55 -25.64
CA ARG B 59 -7.28 34.20 -26.86
C ARG B 59 -6.40 35.43 -26.70
N GLY B 60 -6.56 36.37 -27.62
CA GLY B 60 -5.71 37.54 -27.68
C GLY B 60 -4.37 37.17 -28.30
N ARG B 61 -3.31 37.79 -27.78
CA ARG B 61 -1.96 37.52 -28.26
C ARG B 61 -1.55 36.07 -28.00
N GLU B 62 -2.15 35.46 -26.98
CA GLU B 62 -1.84 34.07 -26.63
C GLU B 62 -2.26 33.11 -27.74
N SER B 63 -3.54 33.08 -28.05
CA SER B 63 -4.04 32.17 -29.08
C SER B 63 -3.19 32.24 -30.34
N GLU B 64 -2.98 33.46 -30.85
CA GLU B 64 -2.25 33.64 -32.10
C GLU B 64 -0.75 33.38 -32.01
N GLU B 65 -0.03 34.19 -31.23
CA GLU B 65 1.41 34.04 -31.10
C GLU B 65 1.81 32.60 -30.77
N GLU B 66 1.25 32.07 -29.68
CA GLU B 66 1.46 30.67 -29.38
C GLU B 66 1.26 29.85 -30.66
N MET B 67 0.05 29.85 -31.21
CA MET B 67 -0.28 29.02 -32.37
C MET B 67 0.66 29.15 -33.57
N GLU B 68 0.98 30.38 -33.98
CA GLU B 68 1.82 30.57 -35.15
C GLU B 68 3.31 30.25 -34.93
N PHE B 69 3.80 30.41 -33.70
CA PHE B 69 5.22 30.19 -33.42
C PHE B 69 5.56 28.72 -33.22
N VAL B 70 4.53 27.90 -33.05
CA VAL B 70 4.65 26.47 -33.18
C VAL B 70 4.67 26.11 -34.68
N LYS B 71 3.71 26.67 -35.41
CA LYS B 71 3.64 26.47 -36.85
C LYS B 71 5.02 26.63 -37.48
N ARG B 72 5.65 27.78 -37.25
CA ARG B 72 6.95 28.08 -37.87
C ARG B 72 8.04 27.17 -37.36
N PHE B 73 7.78 26.46 -36.27
CA PHE B 73 8.76 25.51 -35.77
C PHE B 73 8.62 24.14 -36.42
N CYS B 74 7.37 23.69 -36.62
CA CYS B 74 7.12 22.44 -37.30
C CYS B 74 7.80 22.44 -38.67
N VAL B 75 7.66 23.56 -39.36
CA VAL B 75 8.35 23.73 -40.64
C VAL B 75 9.87 23.80 -40.43
N GLU B 76 10.31 24.66 -39.52
CA GLU B 76 11.74 24.82 -39.23
C GLU B 76 12.47 23.51 -38.90
N ARG B 77 11.72 22.43 -38.67
CA ARG B 77 12.33 21.11 -38.52
C ARG B 77 11.51 20.00 -39.16
N ARG B 78 10.89 20.28 -40.31
CA ARG B 78 10.18 19.28 -41.09
C ARG B 78 9.34 18.35 -40.21
N ILE B 79 8.31 18.89 -39.57
CA ILE B 79 7.50 18.06 -38.69
C ILE B 79 6.03 18.29 -38.93
N LEU B 80 5.28 17.22 -39.13
CA LEU B 80 3.84 17.35 -39.32
C LEU B 80 3.29 18.08 -38.10
N CYS B 81 2.65 19.22 -38.33
CA CYS B 81 2.28 20.12 -37.25
C CYS B 81 0.78 20.19 -37.07
N GLU B 82 0.18 19.04 -36.81
CA GLU B 82 -1.26 18.92 -36.60
C GLU B 82 -1.85 19.96 -35.65
N THR B 83 -2.49 20.97 -36.23
CA THR B 83 -3.05 22.08 -35.46
C THR B 83 -4.56 21.97 -35.28
N ALA B 84 -5.10 22.70 -34.30
CA ALA B 84 -6.54 22.83 -34.13
C ALA B 84 -6.87 23.97 -33.16
N GLN B 85 -8.16 24.18 -32.92
CA GLN B 85 -8.61 25.20 -31.98
C GLN B 85 -10.09 25.02 -31.62
N ILE B 86 -10.40 25.13 -30.33
CA ILE B 86 -11.79 25.18 -29.88
C ILE B 86 -12.04 26.28 -28.85
N ASP B 87 -12.94 27.20 -29.23
CA ASP B 87 -13.35 28.29 -28.37
C ASP B 87 -14.77 28.04 -27.91
N VAL B 88 -15.13 26.75 -27.86
CA VAL B 88 -16.35 26.34 -27.20
C VAL B 88 -16.07 25.88 -25.76
N PRO B 89 -14.94 26.32 -25.17
CA PRO B 89 -15.04 26.34 -23.72
C PRO B 89 -16.38 26.95 -23.29
N ALA B 90 -16.75 28.10 -23.86
CA ALA B 90 -18.00 28.76 -23.49
C ALA B 90 -19.26 27.93 -23.75
N PHE B 91 -19.19 27.05 -24.75
CA PHE B 91 -20.34 26.20 -25.13
C PHE B 91 -20.15 24.79 -24.56
N GLN B 92 -18.93 24.50 -24.13
CA GLN B 92 -18.62 23.26 -23.44
C GLN B 92 -19.19 23.33 -22.03
N ARG B 93 -18.90 24.44 -21.35
CA ARG B 93 -19.42 24.69 -20.01
C ARG B 93 -20.91 25.00 -20.09
N SER B 94 -21.39 25.23 -21.30
CA SER B 94 -22.81 25.39 -21.54
C SER B 94 -23.40 23.99 -21.78
N ALA B 95 -22.56 22.97 -21.64
CA ALA B 95 -23.01 21.57 -21.75
C ALA B 95 -22.85 20.76 -20.45
N GLY B 96 -22.15 21.33 -19.46
CA GLY B 96 -22.07 20.69 -18.16
C GLY B 96 -21.04 21.13 -17.11
N LEU B 97 -19.82 21.44 -17.56
CA LEU B 97 -18.67 21.53 -16.65
C LEU B 97 -18.17 22.95 -16.26
N GLY B 98 -17.04 22.98 -15.55
CA GLY B 98 -16.41 24.21 -15.09
C GLY B 98 -15.46 24.86 -16.09
N ALA B 99 -14.16 24.87 -15.78
CA ALA B 99 -13.17 25.46 -16.67
C ALA B 99 -12.06 24.49 -17.07
N GLN B 100 -11.03 24.40 -16.23
CA GLN B 100 -9.89 23.52 -16.49
C GLN B 100 -10.27 22.07 -16.82
N GLU B 101 -11.48 21.67 -16.43
CA GLU B 101 -12.01 20.37 -16.84
C GLU B 101 -12.14 20.31 -18.36
N ALA B 102 -12.99 21.18 -18.91
CA ALA B 102 -13.14 21.30 -20.36
C ALA B 102 -11.79 21.31 -21.07
N ALA B 103 -10.78 21.83 -20.38
CA ALA B 103 -9.42 21.85 -20.87
C ALA B 103 -9.01 20.44 -21.25
N ARG B 104 -8.69 19.65 -20.24
CA ARG B 104 -8.18 18.30 -20.48
C ARG B 104 -9.18 17.41 -21.25
N ILE B 105 -10.49 17.53 -20.99
CA ILE B 105 -11.43 16.64 -21.70
C ILE B 105 -11.39 16.93 -23.17
N CYS B 106 -11.43 18.21 -23.51
CA CYS B 106 -11.45 18.58 -24.92
C CYS B 106 -10.06 18.35 -25.52
N ARG B 107 -9.05 18.98 -24.94
CA ARG B 107 -7.68 18.74 -25.37
C ARG B 107 -7.49 17.24 -25.65
N TYR B 108 -7.76 16.40 -24.66
CA TYR B 108 -7.58 14.95 -24.82
C TYR B 108 -8.50 14.28 -25.87
N ARG B 109 -9.79 14.60 -25.87
CA ARG B 109 -10.68 14.12 -26.92
C ARG B 109 -10.00 14.30 -28.26
N PHE B 110 -9.28 15.41 -28.41
CA PHE B 110 -8.57 15.75 -29.66
C PHE B 110 -7.38 14.84 -29.89
N PHE B 111 -6.49 14.78 -28.89
CA PHE B 111 -5.34 13.89 -28.97
C PHE B 111 -5.79 12.46 -29.32
N ALA B 112 -6.99 12.10 -28.85
CA ALA B 112 -7.54 10.77 -29.13
C ALA B 112 -7.79 10.59 -30.60
N GLU B 113 -8.36 11.62 -31.22
CA GLU B 113 -8.54 11.67 -32.68
C GLU B 113 -7.21 11.41 -33.37
N LEU B 114 -6.21 12.19 -33.01
CA LEU B 114 -4.90 12.08 -33.65
C LEU B 114 -4.29 10.70 -33.47
N MET B 115 -4.47 10.10 -32.29
CA MET B 115 -3.81 8.85 -31.99
C MET B 115 -4.44 7.72 -32.79
N GLU B 116 -5.76 7.65 -32.74
CA GLU B 116 -6.52 6.66 -33.51
C GLU B 116 -6.46 6.93 -35.00
N LYS B 117 -6.60 8.21 -35.36
CA LYS B 117 -6.63 8.62 -36.75
C LYS B 117 -5.23 8.83 -37.36
N HIS B 118 -4.18 8.32 -36.71
CA HIS B 118 -2.80 8.53 -37.17
C HIS B 118 -1.95 7.28 -36.88
N GLN B 119 -2.59 6.24 -36.35
CA GLN B 119 -1.92 4.98 -35.99
C GLN B 119 -0.83 5.13 -34.95
N ALA B 120 -0.78 6.29 -34.30
CA ALA B 120 0.21 6.52 -33.26
C ALA B 120 0.04 5.49 -32.15
N GLY B 121 1.10 5.28 -31.39
CA GLY B 121 1.05 4.40 -30.23
C GLY B 121 1.16 5.16 -28.93
N TYR B 122 2.04 6.17 -28.88
CA TYR B 122 2.17 6.98 -27.69
C TYR B 122 1.67 8.40 -27.93
N VAL B 123 1.27 9.07 -26.85
CA VAL B 123 0.97 10.49 -26.86
C VAL B 123 1.64 11.13 -25.67
N ALA B 124 2.59 12.02 -25.89
CA ALA B 124 3.35 12.56 -24.78
C ALA B 124 3.00 14.01 -24.55
N VAL B 125 2.94 14.39 -23.28
CA VAL B 125 2.83 15.79 -22.90
C VAL B 125 3.85 16.10 -21.81
N GLY B 126 4.41 17.30 -21.87
CA GLY B 126 5.41 17.70 -20.92
C GLY B 126 4.83 18.11 -19.60
N HIS B 127 5.20 17.37 -18.56
CA HIS B 127 4.77 17.69 -17.22
C HIS B 127 5.98 17.65 -16.32
N HIS B 128 6.44 18.83 -15.88
CA HIS B 128 7.65 18.90 -15.07
C HIS B 128 7.41 18.48 -13.62
N GLY B 129 8.47 18.00 -12.97
CA GLY B 129 8.42 17.65 -11.57
C GLY B 129 7.71 18.70 -10.73
N ASP B 130 7.78 19.96 -11.15
CA ASP B 130 7.00 21.00 -10.49
C ASP B 130 5.51 20.81 -10.78
N ASP B 131 5.17 20.53 -12.03
CA ASP B 131 3.79 20.23 -12.35
C ASP B 131 3.30 19.20 -11.34
N GLN B 132 4.14 18.20 -11.09
CA GLN B 132 3.87 17.08 -10.16
C GLN B 132 3.62 17.54 -8.72
N VAL B 133 4.63 18.17 -8.11
CA VAL B 133 4.48 18.78 -6.80
C VAL B 133 3.11 19.43 -6.74
N GLU B 134 2.95 20.54 -7.44
CA GLU B 134 1.64 21.14 -7.63
C GLU B 134 0.44 20.17 -7.48
N THR B 135 0.37 19.15 -8.33
CA THR B 135 -0.79 18.27 -8.31
C THR B 135 -0.90 17.48 -7.00
N ILE B 136 0.23 17.09 -6.45
CA ILE B 136 0.21 16.33 -5.21
C ILE B 136 -0.49 17.12 -4.14
N LEU B 137 0.03 18.32 -3.85
CA LEU B 137 -0.49 19.17 -2.79
C LEU B 137 -1.90 19.60 -3.12
N MET B 138 -2.03 20.18 -4.31
CA MET B 138 -3.35 20.46 -4.89
C MET B 138 -4.37 19.35 -4.48
N ARG B 139 -3.94 18.09 -4.61
CA ARG B 139 -4.80 16.92 -4.45
C ARG B 139 -4.73 16.36 -3.05
N LEU B 140 -3.75 16.83 -2.31
CA LEU B 140 -3.63 16.48 -0.92
C LEU B 140 -4.78 17.15 -0.19
N VAL B 141 -4.90 18.45 -0.38
CA VAL B 141 -5.88 19.22 0.38
C VAL B 141 -7.25 19.00 -0.19
N ARG B 142 -7.30 18.63 -1.47
CA ARG B 142 -8.60 18.52 -2.09
C ARG B 142 -9.28 17.29 -1.56
N GLY B 143 -8.47 16.27 -1.27
CA GLY B 143 -8.94 15.06 -0.59
C GLY B 143 -8.96 13.77 -1.41
N SER B 144 -8.65 13.89 -2.70
CA SER B 144 -8.66 12.75 -3.61
C SER B 144 -7.89 11.57 -3.07
N THR B 145 -6.92 11.87 -2.19
CA THR B 145 -6.00 10.83 -1.73
C THR B 145 -6.72 9.49 -1.62
N SER B 146 -6.06 8.46 -2.17
CA SER B 146 -6.57 7.11 -2.19
C SER B 146 -5.51 6.34 -2.94
N LYS B 147 -5.88 5.99 -4.15
CA LYS B 147 -4.94 5.46 -5.09
C LYS B 147 -4.66 6.69 -5.92
N GLY B 148 -5.69 7.51 -6.00
CA GLY B 148 -5.72 8.64 -6.89
C GLY B 148 -4.86 9.76 -6.40
N TYR B 149 -4.58 9.76 -5.10
CA TYR B 149 -3.60 10.70 -4.63
C TYR B 149 -2.39 10.57 -5.57
N ALA B 150 -1.78 9.39 -5.58
CA ALA B 150 -0.71 9.03 -6.50
C ALA B 150 0.14 10.18 -7.04
N GLY B 151 -0.40 10.95 -7.97
CA GLY B 151 0.35 12.00 -8.62
C GLY B 151 0.09 12.03 -10.11
N ILE B 152 1.00 12.64 -10.85
CA ILE B 152 0.94 12.58 -12.29
C ILE B 152 1.60 11.27 -12.68
N PRO B 153 0.88 10.45 -13.42
CA PRO B 153 1.33 9.11 -13.81
C PRO B 153 2.27 9.16 -14.99
N VAL B 154 3.52 8.74 -14.73
CA VAL B 154 4.53 8.55 -15.76
C VAL B 154 3.91 8.19 -17.10
N LYS B 155 3.44 6.95 -17.22
CA LYS B 155 2.82 6.48 -18.44
C LYS B 155 1.51 5.75 -18.11
N ARG B 156 0.47 5.97 -18.92
CA ARG B 156 -0.83 5.34 -18.64
C ARG B 156 -1.58 4.89 -19.90
N PRO B 157 -2.45 3.85 -19.78
CA PRO B 157 -3.25 3.27 -20.86
C PRO B 157 -4.10 4.31 -21.57
N PHE B 158 -3.56 4.85 -22.66
CA PHE B 158 -4.30 5.80 -23.44
C PHE B 158 -4.95 5.20 -24.67
N HIS B 159 -6.28 5.08 -24.65
CA HIS B 159 -7.02 4.73 -25.84
C HIS B 159 -6.45 3.44 -26.44
N GLY B 160 -5.59 3.58 -27.44
CA GLY B 160 -4.93 2.44 -28.05
C GLY B 160 -3.66 2.07 -27.28
N GLY B 161 -2.65 2.92 -27.42
CA GLY B 161 -1.39 2.73 -26.72
C GLY B 161 -1.37 3.34 -25.32
N TYR B 162 -0.33 4.14 -25.06
CA TYR B 162 -0.16 4.75 -23.74
C TYR B 162 0.09 6.24 -23.86
N LEU B 163 0.15 6.92 -22.71
CA LEU B 163 0.39 8.36 -22.66
C LEU B 163 1.56 8.73 -21.72
N ILE B 164 2.57 9.42 -22.26
CA ILE B 164 3.85 9.55 -21.59
C ILE B 164 4.19 10.98 -21.17
N ARG B 165 4.67 11.17 -19.94
CA ARG B 165 5.02 12.52 -19.50
C ARG B 165 6.47 12.65 -19.07
N PRO B 166 7.42 12.36 -19.98
CA PRO B 166 8.82 12.18 -19.59
C PRO B 166 9.46 13.45 -19.01
N PHE B 167 8.72 14.57 -18.99
CA PHE B 167 9.28 15.74 -18.34
C PHE B 167 9.08 15.72 -16.82
N LEU B 168 8.40 14.67 -16.35
CA LEU B 168 8.17 14.48 -14.94
C LEU B 168 9.48 14.43 -14.20
N ALA B 169 10.52 14.00 -14.91
CA ALA B 169 11.84 13.75 -14.35
C ALA B 169 12.51 14.98 -13.79
N VAL B 170 12.02 16.14 -14.19
CA VAL B 170 12.88 17.30 -14.15
C VAL B 170 12.19 18.62 -13.84
N SER B 171 12.91 19.49 -13.13
CA SER B 171 12.41 20.79 -12.68
C SER B 171 11.98 21.68 -13.83
N ARG B 172 11.06 22.60 -13.55
CA ARG B 172 10.74 23.65 -14.50
C ARG B 172 11.92 24.62 -14.52
N ALA B 173 12.69 24.61 -13.44
CA ALA B 173 13.95 25.33 -13.43
C ALA B 173 14.75 24.86 -14.65
N GLU B 174 14.98 23.54 -14.73
CA GLU B 174 15.81 22.94 -15.77
C GLU B 174 15.15 22.98 -17.15
N ILE B 175 13.87 23.28 -17.20
CA ILE B 175 13.17 23.44 -18.47
C ILE B 175 13.41 24.84 -19.04
N GLU B 176 13.65 25.79 -18.16
CA GLU B 176 14.02 27.11 -18.63
C GLU B 176 15.51 27.10 -18.99
N ALA B 177 16.29 26.40 -18.19
CA ALA B 177 17.71 26.25 -18.46
C ALA B 177 17.88 25.76 -19.90
N TYR B 178 17.20 24.67 -20.21
CA TYR B 178 17.29 24.05 -21.51
C TYR B 178 16.67 24.91 -22.62
N CYS B 179 15.59 25.62 -22.32
CA CYS B 179 14.94 26.47 -23.32
C CYS B 179 15.82 27.58 -23.88
N ARG B 180 16.34 28.44 -23.01
CA ARG B 180 17.23 29.50 -23.46
C ARG B 180 18.54 28.91 -23.97
N GLN B 181 19.19 28.08 -23.14
CA GLN B 181 20.46 27.44 -23.53
C GLN B 181 20.43 26.91 -24.95
N MET B 182 19.33 26.26 -25.31
CA MET B 182 19.19 25.73 -26.66
C MET B 182 18.18 26.52 -27.48
N GLY B 183 18.24 27.85 -27.36
CA GLY B 183 17.56 28.73 -28.27
C GLY B 183 16.05 28.79 -28.15
N LEU B 184 15.55 29.99 -27.86
CA LEU B 184 14.12 30.29 -27.83
C LEU B 184 13.88 31.67 -27.21
N SER B 185 12.85 32.36 -27.69
CA SER B 185 12.51 33.73 -27.27
C SER B 185 12.36 33.86 -25.74
N PRO B 186 11.77 34.96 -25.24
CA PRO B 186 11.61 35.09 -23.79
C PRO B 186 11.40 33.76 -23.08
N ARG B 187 12.38 33.38 -22.27
CA ARG B 187 12.36 32.13 -21.49
C ARG B 187 10.97 31.81 -20.95
N CYS B 188 10.75 32.13 -19.67
CA CYS B 188 9.47 31.86 -19.00
C CYS B 188 8.51 33.02 -19.15
N ASP B 189 7.33 32.89 -18.53
CA ASP B 189 6.28 33.88 -18.68
C ASP B 189 6.28 35.01 -17.64
N PRO B 190 6.39 36.27 -18.09
CA PRO B 190 6.14 37.44 -17.25
C PRO B 190 4.64 37.73 -17.16
N SER B 191 3.84 36.89 -17.83
CA SER B 191 2.37 37.05 -17.88
C SER B 191 1.64 35.95 -17.09
N ASN B 192 2.30 35.38 -16.08
CA ASN B 192 1.68 34.38 -15.21
C ASN B 192 0.54 34.99 -14.42
N GLU B 193 0.41 36.31 -14.53
CA GLU B 193 -0.65 37.05 -13.89
C GLU B 193 -1.96 36.30 -14.07
N LYS B 194 -2.41 35.62 -13.03
CA LYS B 194 -3.64 34.85 -13.13
C LYS B 194 -3.80 33.94 -11.92
N ASP B 195 -3.81 34.51 -10.72
CA ASP B 195 -4.18 33.75 -9.54
C ASP B 195 -5.66 33.37 -9.63
N ASP B 196 -6.08 33.06 -10.86
CA ASP B 196 -7.44 32.64 -11.16
C ASP B 196 -7.62 31.18 -10.76
N TYR B 197 -6.54 30.41 -10.88
CA TYR B 197 -6.60 28.98 -10.63
C TYR B 197 -5.95 28.58 -9.34
N THR B 198 -6.75 28.02 -8.46
CA THR B 198 -6.24 27.29 -7.32
C THR B 198 -4.86 26.79 -7.68
N ARG B 199 -4.82 25.97 -8.73
CA ARG B 199 -3.56 25.47 -9.24
C ARG B 199 -2.45 26.50 -9.13
N ASN B 200 -2.70 27.68 -9.68
CA ASN B 200 -1.66 28.70 -9.72
C ASN B 200 -1.18 29.08 -8.32
N ARG B 201 -2.12 29.43 -7.44
CA ARG B 201 -1.78 30.02 -6.13
C ARG B 201 -0.79 29.13 -5.40
N PHE B 202 -0.96 27.84 -5.58
CA PHE B 202 -0.03 26.90 -5.00
C PHE B 202 1.33 27.27 -5.54
N ARG B 203 1.41 27.27 -6.87
CA ARG B 203 2.63 27.53 -7.61
C ARG B 203 3.24 28.91 -7.33
N HIS B 204 2.39 29.90 -7.11
CA HIS B 204 2.85 31.27 -6.95
C HIS B 204 3.38 31.59 -5.55
N HIS B 205 2.72 31.11 -4.51
CA HIS B 205 3.19 31.40 -3.16
C HIS B 205 3.58 30.14 -2.43
N ILE B 206 2.74 29.11 -2.49
CA ILE B 206 2.96 27.91 -1.70
C ILE B 206 4.22 27.12 -2.04
N VAL B 207 4.32 26.65 -3.29
CA VAL B 207 5.52 25.92 -3.74
C VAL B 207 6.81 26.62 -3.30
N PRO B 208 6.99 27.89 -3.71
CA PRO B 208 8.23 28.60 -3.38
C PRO B 208 8.65 28.48 -1.90
N LEU B 209 7.69 28.51 -0.98
CA LEU B 209 7.99 28.45 0.45
C LEU B 209 8.58 27.10 0.74
N LEU B 210 8.09 26.10 0.02
CA LEU B 210 8.61 24.75 0.09
C LEU B 210 9.97 24.78 -0.57
N ARG B 211 9.96 25.10 -1.86
CA ARG B 211 11.15 25.36 -2.66
C ARG B 211 12.31 25.83 -1.80
N GLN B 212 12.04 26.83 -0.95
CA GLN B 212 13.05 27.40 -0.09
C GLN B 212 13.47 26.41 0.98
N GLU B 213 12.46 25.73 1.53
CA GLU B 213 12.66 24.76 2.60
C GLU B 213 13.55 23.61 2.18
N ASN B 214 13.59 23.39 0.88
CA ASN B 214 14.43 22.36 0.29
C ASN B 214 14.63 22.56 -1.20
N PRO B 215 15.89 22.59 -1.63
CA PRO B 215 16.25 22.86 -3.02
C PRO B 215 15.76 21.77 -3.93
N ARG B 216 15.80 20.55 -3.39
CA ARG B 216 15.51 19.38 -4.18
C ARG B 216 14.13 18.87 -3.87
N LEU B 217 13.14 19.70 -4.14
CA LEU B 217 11.77 19.35 -3.83
C LEU B 217 11.20 18.48 -4.92
N HIS B 218 11.22 18.96 -6.15
CA HIS B 218 10.65 18.21 -7.26
C HIS B 218 11.20 16.77 -7.30
N GLU B 219 12.17 16.52 -6.44
CA GLU B 219 12.77 15.21 -6.30
C GLU B 219 12.06 14.40 -5.21
N ARG B 220 12.07 14.92 -3.98
CA ARG B 220 11.39 14.24 -2.87
C ARG B 220 9.95 13.98 -3.23
N PHE B 221 9.48 14.65 -4.27
CA PHE B 221 8.10 14.48 -4.64
C PHE B 221 7.98 13.41 -5.68
N GLN B 222 8.98 13.31 -6.54
CA GLN B 222 8.91 12.27 -7.52
C GLN B 222 9.05 10.95 -6.80
N GLN B 223 10.14 10.79 -6.06
CA GLN B 223 10.31 9.54 -5.33
C GLN B 223 9.05 9.20 -4.54
N TYR B 224 8.32 10.23 -4.14
CA TYR B 224 7.09 9.97 -3.45
C TYR B 224 6.13 9.34 -4.41
N SER B 225 5.81 10.06 -5.49
CA SER B 225 4.86 9.57 -6.49
C SER B 225 5.15 8.11 -6.80
N GLU B 226 6.42 7.84 -7.10
CA GLU B 226 6.83 6.49 -7.43
C GLU B 226 6.55 5.50 -6.29
N MET B 227 7.00 5.80 -5.06
CA MET B 227 6.64 4.95 -3.93
C MET B 227 5.18 4.60 -4.02
N MET B 228 4.31 5.60 -3.94
CA MET B 228 2.88 5.34 -3.98
C MET B 228 2.41 4.71 -5.28
N ALA B 229 3.12 4.96 -6.36
CA ALA B 229 2.80 4.32 -7.62
C ALA B 229 2.75 2.82 -7.41
N GLU B 230 3.93 2.24 -7.19
CA GLU B 230 4.08 0.80 -7.05
C GLU B 230 3.26 0.25 -5.89
N ASP B 231 3.43 0.85 -4.71
CA ASP B 231 2.64 0.46 -3.54
C ASP B 231 1.20 0.32 -3.99
N GLU B 232 0.64 1.39 -4.55
CA GLU B 232 -0.75 1.39 -4.94
C GLU B 232 -1.13 0.25 -5.87
N GLN B 233 -0.46 0.12 -7.01
CA GLN B 233 -0.84 -0.87 -8.01
C GLN B 233 -0.80 -2.30 -7.52
N PHE B 234 0.16 -2.61 -6.65
CA PHE B 234 0.17 -3.93 -6.06
C PHE B 234 -1.21 -4.17 -5.51
N LEU B 235 -1.52 -3.50 -4.40
CA LEU B 235 -2.84 -3.60 -3.79
C LEU B 235 -3.94 -3.77 -4.82
N GLU B 236 -3.98 -2.88 -5.81
CA GLU B 236 -4.94 -2.97 -6.89
C GLU B 236 -5.14 -4.42 -7.35
N GLU B 237 -4.05 -5.09 -7.71
CA GLU B 237 -4.12 -6.49 -8.14
C GLU B 237 -4.92 -7.20 -7.07
N LEU B 238 -4.45 -7.15 -5.84
CA LEU B 238 -5.11 -7.87 -4.78
C LEU B 238 -6.57 -7.56 -4.77
N ALA B 239 -6.85 -6.27 -4.63
CA ALA B 239 -8.22 -5.78 -4.68
C ALA B 239 -9.00 -6.54 -5.72
N ALA B 240 -8.69 -6.29 -6.99
CA ALA B 240 -9.41 -6.94 -8.07
C ALA B 240 -9.74 -8.39 -7.69
N ASP B 241 -8.72 -9.23 -7.54
CA ASP B 241 -8.88 -10.60 -7.13
C ASP B 241 -9.89 -10.71 -6.00
N ALA B 242 -9.64 -10.03 -4.89
CA ALA B 242 -10.64 -10.02 -3.83
C ALA B 242 -12.02 -9.88 -4.43
N LEU B 243 -12.28 -8.74 -5.06
CA LEU B 243 -13.58 -8.47 -5.65
C LEU B 243 -14.26 -9.74 -6.15
N ASN B 244 -13.63 -10.42 -7.08
CA ASN B 244 -14.16 -11.65 -7.67
C ASN B 244 -14.52 -12.73 -6.67
N LYS B 245 -13.69 -12.87 -5.64
CA LYS B 245 -13.86 -13.90 -4.64
C LYS B 245 -14.87 -13.47 -3.57
N VAL B 246 -15.57 -12.35 -3.81
CA VAL B 246 -16.62 -11.89 -2.88
C VAL B 246 -17.91 -11.52 -3.60
N MET B 247 -17.85 -11.51 -4.93
CA MET B 247 -18.99 -11.14 -5.75
C MET B 247 -19.91 -12.29 -6.06
N GLU B 248 -21.03 -12.36 -5.37
CA GLU B 248 -22.10 -13.17 -5.91
C GLU B 248 -22.17 -12.67 -7.33
N LYS B 249 -22.26 -13.59 -8.27
CA LYS B 249 -21.72 -13.36 -9.59
C LYS B 249 -22.64 -12.66 -10.60
N GLN B 250 -23.00 -13.43 -11.62
CA GLN B 250 -23.74 -12.92 -12.77
C GLN B 250 -25.20 -12.66 -12.41
N HIS B 251 -25.57 -11.39 -12.35
CA HIS B 251 -26.94 -10.99 -12.12
C HIS B 251 -27.34 -10.01 -13.22
N ARG B 252 -28.28 -9.12 -12.91
CA ARG B 252 -28.46 -7.93 -13.72
C ARG B 252 -27.56 -6.86 -13.08
N ASP B 253 -27.68 -6.75 -11.76
CA ASP B 253 -26.80 -5.93 -10.95
C ASP B 253 -26.28 -6.79 -9.81
N ALA B 254 -25.16 -6.37 -9.24
CA ALA B 254 -24.30 -7.27 -8.48
C ALA B 254 -24.51 -7.28 -6.98
N ALA B 255 -24.24 -8.45 -6.41
CA ALA B 255 -24.38 -8.70 -4.97
C ALA B 255 -23.00 -8.92 -4.36
N LEU B 256 -22.94 -8.80 -3.05
CA LEU B 256 -21.66 -8.95 -2.38
C LEU B 256 -21.87 -9.66 -1.08
N SER B 257 -21.17 -10.76 -0.84
CA SER B 257 -21.35 -11.49 0.42
C SER B 257 -20.59 -10.91 1.61
N ILE B 258 -21.35 -10.36 2.54
CA ILE B 258 -20.80 -9.63 3.67
C ILE B 258 -19.71 -10.40 4.40
N GLY B 259 -19.97 -11.68 4.62
CA GLY B 259 -19.09 -12.50 5.45
C GLY B 259 -17.65 -12.46 5.01
N PRO B 260 -17.34 -13.16 3.91
CA PRO B 260 -16.04 -13.22 3.25
C PRO B 260 -15.50 -11.81 3.05
N PHE B 261 -16.32 -10.90 2.57
CA PHE B 261 -15.88 -9.53 2.42
C PHE B 261 -15.22 -9.10 3.71
N LEU B 262 -16.01 -9.01 4.76
CA LEU B 262 -15.53 -8.43 5.99
C LEU B 262 -14.38 -9.17 6.65
N GLU B 263 -14.16 -10.42 6.25
CA GLU B 263 -13.01 -11.17 6.76
C GLU B 263 -11.75 -10.67 6.10
N LEU B 264 -11.90 -10.05 4.94
CA LEU B 264 -10.81 -9.34 4.30
C LEU B 264 -10.12 -8.40 5.27
N PRO B 265 -9.03 -7.77 4.80
CA PRO B 265 -8.30 -6.69 5.45
C PRO B 265 -8.85 -5.36 4.96
N ARG B 266 -8.97 -4.36 5.84
CA ARG B 266 -9.69 -3.15 5.43
C ARG B 266 -9.10 -2.57 4.17
N PRO B 267 -7.76 -2.42 4.11
CA PRO B 267 -7.13 -1.85 2.92
C PRO B 267 -7.80 -2.36 1.67
N LEU B 268 -8.10 -3.65 1.65
CA LEU B 268 -8.76 -4.21 0.49
C LEU B 268 -10.27 -3.97 0.46
N GLN B 269 -10.94 -4.16 1.61
CA GLN B 269 -12.38 -3.87 1.72
C GLN B 269 -12.63 -2.54 1.01
N ARG B 270 -11.77 -1.57 1.30
CA ARG B 270 -11.82 -0.24 0.70
C ARG B 270 -11.77 -0.44 -0.80
N ARG B 271 -10.62 -0.88 -1.29
CA ARG B 271 -10.41 -0.95 -2.73
C ARG B 271 -11.58 -1.59 -3.46
N VAL B 272 -11.89 -2.85 -3.13
CA VAL B 272 -12.94 -3.60 -3.85
C VAL B 272 -14.21 -2.80 -3.91
N LEU B 273 -14.44 -2.01 -2.88
CA LEU B 273 -15.56 -1.11 -2.89
C LEU B 273 -15.34 -0.07 -3.97
N GLN B 274 -14.26 0.68 -3.81
CA GLN B 274 -13.88 1.65 -4.81
C GLN B 274 -14.14 1.10 -6.22
N LEU B 275 -13.61 -0.09 -6.48
CA LEU B 275 -13.70 -0.71 -7.81
C LEU B 275 -15.14 -1.01 -8.16
N LEU B 276 -15.79 -1.73 -7.28
CA LEU B 276 -17.19 -2.03 -7.42
C LEU B 276 -17.94 -0.90 -8.11
N LEU B 277 -17.98 0.25 -7.44
CA LEU B 277 -18.76 1.40 -7.90
C LEU B 277 -18.21 1.98 -9.19
N LEU B 278 -16.90 1.92 -9.36
CA LEU B 278 -16.28 2.35 -10.58
C LEU B 278 -16.82 1.54 -11.72
N ARG B 279 -16.80 0.21 -11.57
CA ARG B 279 -17.40 -0.69 -12.54
C ARG B 279 -18.78 -0.16 -12.81
N LEU B 280 -19.50 0.08 -11.72
CA LEU B 280 -20.90 0.46 -11.76
C LEU B 280 -21.23 1.79 -12.44
N TYR B 281 -20.20 2.48 -12.95
CA TYR B 281 -20.38 3.58 -13.91
C TYR B 281 -19.10 4.31 -14.34
N GLY B 282 -18.31 4.76 -13.36
CA GLY B 282 -17.11 5.53 -13.63
C GLY B 282 -16.96 6.74 -12.72
N GLY B 283 -16.24 6.56 -11.62
CA GLY B 283 -15.83 7.65 -10.73
C GLY B 283 -16.63 8.91 -10.92
N VAL B 284 -17.79 8.98 -10.26
CA VAL B 284 -18.70 10.11 -10.38
C VAL B 284 -18.28 11.29 -9.51
N PRO B 285 -18.85 12.48 -9.76
CA PRO B 285 -18.38 13.67 -9.05
C PRO B 285 -18.73 13.71 -7.56
N PRO B 286 -20.02 13.76 -7.24
CA PRO B 286 -20.38 14.06 -5.86
C PRO B 286 -20.29 12.77 -5.05
N THR B 287 -19.16 12.08 -5.11
CA THR B 287 -19.12 10.74 -4.53
C THR B 287 -18.16 10.54 -3.37
N LEU B 288 -17.70 11.64 -2.80
CA LEU B 288 -17.04 11.66 -1.48
C LEU B 288 -16.70 10.26 -0.94
N THR B 289 -15.56 9.71 -1.35
CA THR B 289 -15.13 8.38 -0.89
C THR B 289 -15.49 8.30 0.57
N SER B 290 -14.56 8.79 1.38
CA SER B 290 -14.78 9.03 2.79
C SER B 290 -16.20 8.65 3.13
N VAL B 291 -17.08 9.62 2.91
CA VAL B 291 -18.47 9.51 3.31
C VAL B 291 -19.06 8.17 2.91
N HIS B 292 -19.05 7.91 1.61
CA HIS B 292 -19.76 6.77 1.03
C HIS B 292 -19.13 5.45 1.43
N ILE B 293 -17.94 5.20 0.91
CA ILE B 293 -17.22 3.97 1.24
C ILE B 293 -17.39 3.67 2.72
N GLY B 294 -17.15 4.67 3.55
CA GLY B 294 -17.38 4.54 4.98
C GLY B 294 -18.74 3.96 5.30
N HIS B 295 -19.79 4.65 4.83
CA HIS B 295 -21.19 4.27 5.07
C HIS B 295 -21.52 2.84 4.65
N ILE B 296 -21.16 2.47 3.42
CA ILE B 296 -21.20 1.07 3.03
C ILE B 296 -20.59 0.20 4.13
N LEU B 297 -19.28 0.34 4.35
CA LEU B 297 -18.61 -0.37 5.44
C LEU B 297 -19.38 -0.37 6.78
N MET B 298 -19.91 0.78 7.16
CA MET B 298 -20.71 0.85 8.37
C MET B 298 -21.90 -0.08 8.24
N LEU B 299 -22.58 0.02 7.11
CA LEU B 299 -23.81 -0.70 6.88
C LEU B 299 -23.59 -2.19 7.04
N CYS B 300 -22.34 -2.63 7.06
CA CYS B 300 -22.08 -4.05 7.00
C CYS B 300 -21.55 -4.60 8.31
N GLU B 301 -21.04 -3.71 9.14
CA GLU B 301 -20.65 -4.11 10.48
C GLU B 301 -21.79 -3.84 11.45
N ARG B 302 -22.82 -3.15 10.95
CA ARG B 302 -24.06 -2.93 11.69
C ARG B 302 -24.48 -4.20 12.42
N GLY B 303 -25.40 -4.01 13.37
CA GLY B 303 -26.10 -5.12 13.98
C GLY B 303 -27.35 -5.33 13.16
N ARG B 304 -28.02 -4.23 12.83
CA ARG B 304 -29.29 -4.28 12.08
C ARG B 304 -29.10 -4.73 10.63
N PRO B 305 -29.68 -5.90 10.32
CA PRO B 305 -29.77 -6.68 9.09
C PRO B 305 -30.51 -5.98 7.95
N SER B 306 -31.61 -5.30 8.27
CA SER B 306 -32.28 -4.43 7.30
C SER B 306 -31.50 -3.13 7.22
N GLY B 307 -31.12 -2.74 6.01
CA GLY B 307 -30.32 -1.55 5.86
C GLY B 307 -30.33 -0.90 4.48
N MET B 308 -30.83 0.32 4.43
CA MET B 308 -30.83 1.11 3.20
C MET B 308 -29.83 2.26 3.19
N ILE B 309 -29.32 2.58 2.01
CA ILE B 309 -28.39 3.69 1.86
C ILE B 309 -28.59 4.33 0.50
N ASP B 310 -28.71 5.65 0.47
CA ASP B 310 -28.90 6.32 -0.80
C ASP B 310 -27.60 6.91 -1.34
N LEU B 311 -27.34 6.67 -2.62
CA LEU B 311 -26.08 7.08 -3.23
C LEU B 311 -26.32 7.97 -4.44
N PRO B 312 -25.22 8.55 -4.96
CA PRO B 312 -25.19 9.47 -6.09
C PRO B 312 -25.66 8.81 -7.38
N LYS B 313 -26.34 9.58 -8.23
CA LYS B 313 -27.05 9.07 -9.40
C LYS B 313 -28.06 7.99 -8.98
N GLY B 314 -28.79 8.27 -7.90
CA GLY B 314 -29.89 7.43 -7.44
C GLY B 314 -29.52 5.96 -7.30
N LEU B 315 -28.25 5.75 -7.04
CA LEU B 315 -27.72 4.42 -6.79
C LEU B 315 -28.06 4.02 -5.35
N LYS B 316 -28.47 2.77 -5.15
CA LYS B 316 -29.01 2.36 -3.86
C LYS B 316 -28.27 1.11 -3.39
N VAL B 317 -28.11 1.00 -2.07
CA VAL B 317 -27.33 -0.09 -1.45
C VAL B 317 -28.01 -0.76 -0.27
N ILE B 318 -28.20 -2.06 -0.38
CA ILE B 318 -29.03 -2.81 0.54
C ILE B 318 -28.37 -4.01 1.22
N ARG B 319 -28.64 -4.16 2.51
CA ARG B 319 -28.27 -5.38 3.22
C ARG B 319 -29.50 -6.21 3.50
N SER B 320 -29.42 -7.47 3.10
CA SER B 320 -30.37 -8.48 3.53
C SER B 320 -29.52 -9.54 4.25
N TYR B 321 -29.47 -9.43 5.56
CA TYR B 321 -28.75 -10.38 6.37
C TYR B 321 -27.30 -10.44 5.94
N ASP B 322 -26.94 -11.42 5.13
CA ASP B 322 -25.56 -11.53 4.76
C ASP B 322 -25.30 -11.03 3.35
N ARG B 323 -26.36 -10.70 2.62
CA ARG B 323 -26.21 -10.29 1.22
C ARG B 323 -25.96 -8.82 1.19
N CYS B 324 -25.52 -8.30 0.05
CA CYS B 324 -25.38 -6.86 -0.11
C CYS B 324 -25.67 -6.47 -1.55
N LEU B 325 -26.92 -6.09 -1.79
CA LEU B 325 -27.44 -5.79 -3.12
C LEU B 325 -26.98 -4.43 -3.53
N PHE B 326 -26.35 -4.30 -4.68
CA PHE B 326 -26.16 -2.98 -5.24
C PHE B 326 -27.04 -2.92 -6.46
N THR B 327 -28.12 -2.15 -6.37
CA THR B 327 -28.93 -1.88 -7.55
C THR B 327 -29.19 -0.39 -7.51
N PHE B 328 -28.77 0.31 -8.55
CA PHE B 328 -29.11 1.71 -8.66
C PHE B 328 -30.55 1.75 -9.19
N ASP B 329 -30.97 0.59 -9.69
CA ASP B 329 -32.33 0.33 -10.14
C ASP B 329 -33.42 0.93 -9.23
N ALA B 330 -34.10 0.06 -8.50
CA ALA B 330 -35.12 0.40 -7.50
C ALA B 330 -35.54 -0.98 -7.02
N GLU B 331 -36.43 -1.07 -6.02
CA GLU B 331 -36.88 -2.37 -5.55
C GLU B 331 -38.38 -2.47 -5.66
N SER B 332 -39.04 -1.41 -5.19
CA SER B 332 -40.44 -1.21 -5.48
C SER B 332 -40.54 -0.53 -6.83
N GLY B 333 -41.42 -1.08 -7.67
CA GLY B 333 -42.01 -2.38 -7.41
C GLY B 333 -43.45 -2.43 -6.97
N GLU B 334 -43.68 -2.84 -5.72
CA GLU B 334 -45.00 -3.15 -5.16
C GLU B 334 -45.11 -4.65 -5.00
N LYS B 335 -46.16 -5.12 -4.34
CA LYS B 335 -46.33 -6.56 -4.17
C LYS B 335 -47.65 -6.90 -3.51
N GLY B 336 -47.86 -8.20 -3.29
CA GLY B 336 -49.06 -8.70 -2.64
C GLY B 336 -49.90 -9.62 -3.53
N TYR B 337 -50.75 -10.43 -2.92
CA TYR B 337 -51.70 -11.29 -3.66
C TYR B 337 -52.68 -12.10 -2.79
N TRP B 338 -53.82 -12.45 -3.37
CA TRP B 338 -54.93 -13.12 -2.67
C TRP B 338 -55.60 -14.06 -3.65
N PHE B 339 -55.65 -15.34 -3.29
CA PHE B 339 -56.20 -16.37 -4.17
C PHE B 339 -57.12 -17.26 -3.38
N GLU B 340 -58.21 -17.68 -4.01
CA GLU B 340 -58.96 -18.80 -3.48
C GLU B 340 -58.15 -20.06 -3.79
N LEU B 341 -58.32 -21.10 -2.99
CA LEU B 341 -57.60 -22.36 -3.19
C LEU B 341 -58.51 -23.50 -3.67
N PRO B 342 -58.50 -23.70 -5.00
CA PRO B 342 -59.25 -24.73 -5.72
C PRO B 342 -58.68 -26.07 -5.32
N VAL B 343 -59.55 -27.02 -5.06
CA VAL B 343 -59.10 -28.35 -4.74
C VAL B 343 -59.92 -29.39 -5.53
N PRO B 344 -59.23 -30.32 -6.21
CA PRO B 344 -57.77 -30.35 -6.40
C PRO B 344 -57.33 -29.38 -7.48
N ALA B 345 -56.07 -28.95 -7.44
CA ALA B 345 -55.57 -27.97 -8.38
C ALA B 345 -54.08 -27.74 -8.18
N LEU B 346 -53.45 -27.09 -9.15
CA LEU B 346 -52.03 -26.73 -9.06
C LEU B 346 -51.82 -25.22 -9.21
N LEU B 347 -51.76 -24.53 -8.08
CA LEU B 347 -51.68 -23.07 -8.05
C LEU B 347 -50.23 -22.62 -7.98
N PRO B 348 -49.78 -21.84 -8.98
CA PRO B 348 -48.42 -21.29 -9.03
C PRO B 348 -48.32 -19.92 -8.38
N LEU B 349 -47.30 -19.74 -7.55
CA LEU B 349 -47.13 -18.50 -6.82
C LEU B 349 -45.98 -17.65 -7.35
N PRO B 350 -46.18 -16.32 -7.37
CA PRO B 350 -45.24 -15.27 -7.81
C PRO B 350 -43.86 -15.36 -7.19
N ASN B 351 -43.60 -16.38 -6.38
CA ASN B 351 -42.24 -16.62 -5.90
C ASN B 351 -41.70 -17.98 -6.31
N GLY B 352 -41.77 -18.29 -7.60
CA GLY B 352 -41.18 -19.50 -8.14
C GLY B 352 -41.51 -20.78 -7.39
N TYR B 353 -42.50 -20.70 -6.49
CA TYR B 353 -43.02 -21.89 -5.80
C TYR B 353 -44.50 -22.03 -6.13
N ALA B 354 -45.13 -23.05 -5.54
CA ALA B 354 -46.55 -23.31 -5.80
C ALA B 354 -47.11 -24.36 -4.85
N ILE B 355 -48.43 -24.37 -4.70
CA ILE B 355 -49.09 -25.30 -3.78
C ILE B 355 -49.98 -26.27 -4.53
N ILE B 356 -50.04 -27.50 -4.05
CA ILE B 356 -50.80 -28.53 -4.73
C ILE B 356 -51.80 -29.15 -3.77
N SER B 357 -53.05 -29.18 -4.20
CA SER B 357 -54.12 -29.67 -3.36
C SER B 357 -54.69 -30.93 -3.95
N GLU B 358 -55.05 -31.87 -3.09
CA GLU B 358 -55.70 -33.07 -3.56
C GLU B 358 -56.52 -33.75 -2.49
N PHE B 359 -57.34 -34.70 -2.89
CA PHE B 359 -58.18 -35.43 -1.97
C PHE B 359 -57.59 -36.80 -1.69
N GLY B 360 -57.84 -37.31 -0.49
CA GLY B 360 -57.22 -38.56 -0.07
C GLY B 360 -58.13 -39.40 0.80
N GLU B 361 -58.50 -40.56 0.27
CA GLU B 361 -59.33 -41.48 1.01
C GLU B 361 -58.66 -41.73 2.34
N HIS B 362 -57.39 -42.14 2.25
CA HIS B 362 -56.64 -42.53 3.43
C HIS B 362 -55.88 -41.35 3.97
N TYR B 363 -55.43 -41.50 5.21
CA TYR B 363 -54.67 -40.46 5.88
C TYR B 363 -53.27 -40.43 5.28
N PRO B 364 -52.71 -39.22 5.09
CA PRO B 364 -51.33 -38.97 4.63
C PRO B 364 -50.33 -39.71 5.50
N ARG B 365 -49.34 -40.37 4.91
CA ARG B 365 -48.41 -41.19 5.68
C ARG B 365 -46.97 -40.74 5.52
N LYS B 366 -46.78 -39.69 4.71
CA LYS B 366 -45.47 -39.06 4.49
C LYS B 366 -44.81 -38.48 5.76
N GLN B 367 -43.48 -38.51 5.80
CA GLN B 367 -42.73 -38.10 6.99
C GLN B 367 -43.21 -36.80 7.62
N ALA B 368 -42.97 -36.63 8.91
CA ALA B 368 -43.21 -35.34 9.56
C ALA B 368 -42.56 -34.23 8.73
N GLY B 369 -43.09 -33.01 8.81
CA GLY B 369 -42.55 -31.96 7.96
C GLY B 369 -43.24 -30.61 7.98
N ASN B 370 -43.05 -29.83 6.91
CA ASN B 370 -43.58 -28.49 6.85
C ASN B 370 -44.12 -28.11 5.51
N ASP B 371 -43.52 -28.63 4.45
CA ASP B 371 -43.92 -28.21 3.12
C ASP B 371 -45.16 -28.98 2.68
N TRP B 372 -45.85 -29.57 3.66
CA TRP B 372 -47.13 -30.22 3.43
C TRP B 372 -48.05 -29.99 4.62
N PHE B 373 -49.36 -30.12 4.40
CA PHE B 373 -50.32 -29.81 5.45
C PHE B 373 -51.70 -30.45 5.22
N VAL B 374 -52.30 -30.98 6.28
CA VAL B 374 -53.52 -31.76 6.15
C VAL B 374 -54.77 -31.19 6.85
N VAL B 375 -55.88 -31.16 6.10
CA VAL B 375 -57.14 -30.54 6.52
C VAL B 375 -58.40 -31.40 6.43
N ASP B 376 -59.27 -31.27 7.43
CA ASP B 376 -60.54 -31.98 7.46
C ASP B 376 -61.61 -31.11 6.80
N PRO B 377 -62.18 -31.59 5.69
CA PRO B 377 -63.23 -30.80 5.05
C PRO B 377 -64.21 -30.34 6.12
N ALA B 378 -64.68 -31.29 6.93
CA ALA B 378 -65.63 -30.98 8.00
C ALA B 378 -65.17 -29.82 8.88
N SER B 379 -64.28 -30.08 9.84
CA SER B 379 -63.93 -29.11 10.88
C SER B 379 -63.40 -27.72 10.45
N VAL B 380 -63.58 -27.37 9.18
CA VAL B 380 -63.31 -25.99 8.76
C VAL B 380 -64.10 -25.53 7.54
N SER B 381 -64.44 -24.25 7.53
CA SER B 381 -65.17 -23.63 6.44
C SER B 381 -64.26 -23.31 5.27
N LEU B 382 -64.67 -23.78 4.10
CA LEU B 382 -63.95 -23.58 2.86
C LEU B 382 -64.65 -22.42 2.22
N PRO B 383 -64.12 -21.90 1.08
CA PRO B 383 -62.97 -22.43 0.35
C PRO B 383 -61.72 -22.02 1.08
N LEU B 384 -60.59 -22.41 0.53
CA LEU B 384 -59.30 -22.09 1.14
C LEU B 384 -58.62 -20.92 0.45
N ARG B 385 -58.26 -19.89 1.20
CA ARG B 385 -57.55 -18.78 0.61
C ARG B 385 -56.08 -18.89 0.98
N VAL B 386 -55.23 -18.50 0.05
CA VAL B 386 -53.82 -18.32 0.33
C VAL B 386 -53.44 -16.93 -0.13
N ARG B 387 -53.01 -16.07 0.80
CA ARG B 387 -52.68 -14.67 0.49
C ARG B 387 -51.45 -14.17 1.22
N THR B 388 -51.04 -12.95 0.92
CA THR B 388 -49.81 -12.41 1.48
C THR B 388 -50.04 -11.79 2.84
N ARG B 389 -48.96 -11.65 3.59
CA ARG B 389 -49.04 -11.17 4.97
C ARG B 389 -49.81 -9.84 5.14
N ARG B 390 -50.37 -9.67 6.33
CA ARG B 390 -51.28 -8.56 6.62
C ARG B 390 -51.08 -7.97 8.04
N ARG B 391 -50.94 -6.65 8.09
CA ARG B 391 -50.59 -5.91 9.31
C ARG B 391 -50.53 -6.70 10.62
N GLY B 392 -51.62 -7.33 11.04
CA GLY B 392 -51.68 -7.85 12.40
C GLY B 392 -51.79 -9.35 12.56
N ASP B 393 -51.47 -10.09 11.51
CA ASP B 393 -51.71 -11.54 11.45
C ASP B 393 -51.16 -12.33 12.62
N ARG B 394 -51.90 -13.37 13.01
CA ARG B 394 -51.42 -14.33 13.99
C ARG B 394 -51.94 -15.73 13.77
N MET B 395 -51.46 -16.66 14.58
CA MET B 395 -51.94 -18.04 14.53
C MET B 395 -51.62 -18.79 15.82
N VAL B 396 -51.81 -20.10 15.77
CA VAL B 396 -51.69 -20.97 16.94
C VAL B 396 -50.98 -22.28 16.58
N LEU B 397 -50.19 -22.81 17.50
CA LEU B 397 -49.06 -23.65 17.11
C LEU B 397 -49.16 -25.15 17.39
N LYS B 398 -48.84 -25.94 16.37
CA LYS B 398 -49.26 -27.34 16.32
C LYS B 398 -49.48 -27.91 17.71
N GLY B 399 -48.51 -27.69 18.60
CA GLY B 399 -48.53 -28.36 19.91
C GLY B 399 -48.98 -27.50 21.06
N THR B 400 -48.01 -27.03 21.83
CA THR B 400 -48.28 -26.09 22.89
C THR B 400 -48.04 -24.70 22.32
N GLY B 401 -46.94 -24.09 22.72
CA GLY B 401 -46.48 -22.84 22.15
C GLY B 401 -47.43 -21.68 22.31
N GLY B 402 -48.65 -21.81 21.77
CA GLY B 402 -49.70 -20.82 21.97
C GLY B 402 -50.11 -20.06 20.73
N THR B 403 -50.33 -18.76 20.90
CA THR B 403 -50.64 -17.84 19.79
C THR B 403 -49.43 -16.94 19.51
N LYS B 404 -49.12 -16.69 18.24
CA LYS B 404 -47.94 -15.89 17.91
C LYS B 404 -48.17 -15.05 16.66
N LYS B 405 -47.56 -13.87 16.63
CA LYS B 405 -47.68 -12.98 15.49
C LYS B 405 -46.93 -13.52 14.29
N LEU B 406 -47.47 -13.33 13.09
CA LEU B 406 -46.72 -13.78 11.94
C LEU B 406 -45.39 -13.06 11.90
N LYS B 407 -45.42 -11.74 11.92
CA LYS B 407 -44.20 -10.94 11.93
C LYS B 407 -43.15 -11.57 12.81
N GLU B 408 -43.54 -11.92 14.04
CA GLU B 408 -42.59 -12.45 15.03
C GLU B 408 -41.84 -13.63 14.41
N ILE B 409 -42.55 -14.39 13.56
CA ILE B 409 -42.01 -15.61 12.97
C ILE B 409 -40.98 -15.39 11.88
N PHE B 410 -41.39 -14.68 10.83
CA PHE B 410 -40.49 -14.36 9.74
C PHE B 410 -39.14 -13.88 10.22
N ILE B 411 -39.15 -13.12 11.31
CA ILE B 411 -37.92 -12.53 11.80
C ILE B 411 -37.08 -13.55 12.53
N GLU B 412 -37.72 -14.46 13.27
CA GLU B 412 -37.00 -15.51 13.96
C GLU B 412 -36.43 -16.50 12.97
N ALA B 413 -37.20 -16.77 11.93
CA ALA B 413 -36.76 -17.60 10.85
C ALA B 413 -35.93 -16.81 9.87
N LYS B 414 -35.45 -15.66 10.32
CA LYS B 414 -34.51 -14.81 9.58
C LYS B 414 -34.63 -14.81 8.06
N ILE B 415 -35.81 -14.41 7.59
CA ILE B 415 -36.14 -14.47 6.17
C ILE B 415 -36.00 -13.12 5.53
N PRO B 416 -35.43 -13.07 4.31
CA PRO B 416 -35.26 -11.80 3.62
C PRO B 416 -36.60 -11.08 3.54
N ARG B 417 -36.59 -9.76 3.46
CA ARG B 417 -37.82 -8.99 3.49
C ARG B 417 -38.64 -9.21 2.22
N MET B 418 -38.08 -8.85 1.07
CA MET B 418 -38.81 -9.09 -0.17
C MET B 418 -39.44 -10.48 -0.18
N GLU B 419 -38.82 -11.43 0.52
CA GLU B 419 -39.42 -12.75 0.70
C GLU B 419 -40.71 -12.63 1.51
N ARG B 420 -40.60 -12.07 2.71
CA ARG B 420 -41.70 -12.00 3.68
C ARG B 420 -42.96 -11.55 2.98
N ASP B 421 -42.80 -10.56 2.10
CA ASP B 421 -43.93 -9.99 1.39
C ASP B 421 -44.58 -10.94 0.39
N ARG B 422 -43.79 -11.47 -0.54
CA ARG B 422 -44.28 -12.44 -1.53
C ARG B 422 -44.59 -13.84 -0.95
N TRP B 423 -44.35 -14.04 0.34
CA TRP B 423 -44.60 -15.33 1.00
C TRP B 423 -46.08 -15.59 1.15
N PRO B 424 -46.49 -16.84 0.93
CA PRO B 424 -47.91 -17.24 1.01
C PRO B 424 -48.32 -17.65 2.42
N ILE B 425 -49.50 -17.20 2.85
CA ILE B 425 -50.15 -17.67 4.06
C ILE B 425 -51.37 -18.44 3.58
N VAL B 426 -51.88 -19.37 4.37
CA VAL B 426 -53.09 -20.07 3.99
C VAL B 426 -54.17 -20.03 5.05
N GLU B 427 -55.30 -19.39 4.72
CA GLU B 427 -56.43 -19.23 5.65
C GLU B 427 -57.66 -19.99 5.18
N ASP B 428 -58.63 -20.14 6.06
CA ASP B 428 -59.91 -20.73 5.71
C ASP B 428 -60.84 -19.58 5.40
N ALA B 429 -62.02 -19.91 4.90
CA ALA B 429 -63.01 -18.89 4.58
C ALA B 429 -63.12 -17.86 5.70
N ASP B 430 -63.14 -18.35 6.94
CA ASP B 430 -63.33 -17.50 8.10
C ASP B 430 -62.14 -16.61 8.43
N GLY B 431 -61.07 -16.73 7.64
CA GLY B 431 -59.87 -15.90 7.80
C GLY B 431 -58.83 -16.39 8.80
N ARG B 432 -59.11 -17.53 9.42
CA ARG B 432 -58.19 -18.19 10.35
C ARG B 432 -57.00 -18.70 9.59
N ILE B 433 -55.80 -18.38 10.07
CA ILE B 433 -54.59 -18.83 9.40
C ILE B 433 -54.31 -20.26 9.78
N LEU B 434 -54.07 -21.08 8.77
CA LEU B 434 -53.97 -22.51 8.96
C LEU B 434 -52.56 -23.02 8.91
N TRP B 435 -51.78 -22.47 7.99
CA TRP B 435 -50.47 -23.03 7.74
C TRP B 435 -49.63 -22.11 6.89
N VAL B 436 -48.41 -21.84 7.35
CA VAL B 436 -47.52 -21.02 6.56
C VAL B 436 -46.41 -21.84 5.98
N PRO B 437 -46.56 -22.21 4.72
CA PRO B 437 -45.66 -23.04 3.92
C PRO B 437 -44.20 -23.00 4.40
N GLY B 438 -43.66 -24.17 4.74
CA GLY B 438 -42.25 -24.35 5.03
C GLY B 438 -41.75 -23.47 6.15
N LEU B 439 -42.67 -23.02 7.00
CA LEU B 439 -42.37 -22.11 8.11
C LEU B 439 -43.06 -22.45 9.41
N LYS B 440 -44.36 -22.65 9.39
CA LYS B 440 -45.05 -23.08 10.59
C LYS B 440 -46.45 -23.62 10.32
N LYS B 441 -46.85 -24.63 11.09
CA LYS B 441 -48.20 -25.18 11.00
C LYS B 441 -49.05 -24.77 12.19
N SER B 442 -50.34 -24.50 11.93
CA SER B 442 -51.28 -24.05 12.97
C SER B 442 -51.47 -25.14 13.97
N ALA B 443 -52.64 -25.15 14.60
CA ALA B 443 -53.00 -26.21 15.52
C ALA B 443 -54.17 -26.94 14.93
N PHE B 444 -54.63 -26.47 13.78
CA PHE B 444 -55.82 -27.01 13.16
C PHE B 444 -55.48 -27.91 11.99
N GLU B 445 -54.28 -28.47 12.00
CA GLU B 445 -53.96 -29.51 11.03
C GLU B 445 -54.77 -30.72 11.41
N ALA B 446 -55.57 -31.21 10.47
CA ALA B 446 -56.47 -32.29 10.79
C ALA B 446 -55.69 -33.51 11.30
N GLN B 447 -55.89 -33.85 12.57
CA GLN B 447 -55.30 -35.05 13.12
C GLN B 447 -56.03 -36.26 12.54
N ASN B 448 -55.53 -37.46 12.84
CA ASN B 448 -56.03 -38.69 12.23
C ASN B 448 -57.46 -39.12 12.61
N ARG B 449 -58.17 -38.24 13.31
CA ARG B 449 -59.45 -38.57 13.92
C ARG B 449 -60.15 -39.80 13.30
N GLY B 450 -60.41 -39.77 12.00
CA GLY B 450 -61.03 -40.92 11.36
C GLY B 450 -60.86 -40.86 9.87
N GLN B 451 -60.68 -42.02 9.25
CA GLN B 451 -60.43 -42.09 7.82
C GLN B 451 -61.60 -41.63 6.91
N ALA B 452 -62.22 -40.52 7.31
CA ALA B 452 -63.24 -39.83 6.53
C ALA B 452 -62.67 -39.41 5.17
N ARG B 453 -62.71 -38.12 4.90
CA ARG B 453 -62.15 -37.58 3.66
C ARG B 453 -61.11 -36.53 4.03
N TYR B 454 -60.04 -36.44 3.24
CA TYR B 454 -58.91 -35.58 3.60
C TYR B 454 -58.39 -34.70 2.47
N ILE B 455 -57.85 -33.54 2.82
CA ILE B 455 -57.27 -32.63 1.84
C ILE B 455 -55.79 -32.52 2.06
N LEU B 456 -55.05 -32.43 0.98
CA LEU B 456 -53.60 -32.45 1.06
C LEU B 456 -52.97 -31.28 0.37
N LEU B 457 -52.09 -30.60 1.09
CA LEU B 457 -51.40 -29.44 0.55
C LEU B 457 -49.89 -29.67 0.52
N GLN B 458 -49.33 -29.63 -0.68
CA GLN B 458 -47.89 -29.75 -0.85
C GLN B 458 -47.33 -28.42 -1.33
N TYR B 459 -46.37 -27.87 -0.62
CA TYR B 459 -45.71 -26.63 -1.05
C TYR B 459 -44.40 -27.04 -1.72
N GLN B 460 -44.18 -26.55 -2.92
CA GLN B 460 -43.08 -27.03 -3.74
C GLN B 460 -42.59 -26.00 -4.76
N ALA B 461 -41.43 -26.27 -5.36
CA ALA B 461 -40.76 -25.30 -6.23
C ALA B 461 -41.17 -25.35 -7.72
N MET B 462 -40.31 -24.82 -8.59
CA MET B 462 -40.52 -24.89 -10.04
C MET B 462 -39.40 -25.64 -10.74
#